data_8W8G
#
_entry.id   8W8G
#
_cell.length_a   87.396
_cell.length_b   89.195
_cell.length_c   113.716
_cell.angle_alpha   90.00
_cell.angle_beta   90.00
_cell.angle_gamma   90.00
#
_symmetry.space_group_name_H-M   'P 21 21 21'
#
loop_
_entity.id
_entity.type
_entity.pdbx_description
1 polymer 'Telomeric repeat-binding factor 1'
2 polymer 'PIN2/TERF1-interacting telomerase inhibitor 1'
3 non-polymer HEXANE-1,6-DIOL
4 water water
#
loop_
_entity_poly.entity_id
_entity_poly.type
_entity_poly.pdbx_seq_one_letter_code
_entity_poly.pdbx_strand_id
1 'polypeptide(L)'
;EEEEEDAGLVAEAEAVAAGWMLDFLCLSLCRAFRDGRSEDFRRTRNSAEAIIHGLSSLTACQLRTIYICQFLTRIAAGKT
LDAQFENDERITPLESALMIWGSIEKEHDKLHEEIQNLIKIQAIAVCMENGNFKEAEEVFERIFGDPNSHMPFKSKLLMI
ISQKDTFHSFFQHFSYNHMMEKIKSYVNYVLSEKSSTFLMKAAAKVVESKRT
;
A,B,C,D
2 'polypeptide(L)' SGRDFTLKPKKRRGKKKLQK E,F,G,H
#
# COMPACT_ATOMS: atom_id res chain seq x y z
N GLU A 5 -24.16 -13.70 -22.10
CA GLU A 5 -23.12 -13.84 -23.11
C GLU A 5 -22.16 -14.95 -22.71
N ASP A 6 -21.55 -15.59 -23.71
CA ASP A 6 -20.65 -16.72 -23.44
C ASP A 6 -19.42 -16.29 -22.65
N ALA A 7 -18.99 -15.04 -22.80
CA ALA A 7 -17.81 -14.58 -22.07
C ALA A 7 -18.13 -14.36 -20.60
N GLY A 8 -19.34 -13.88 -20.29
CA GLY A 8 -19.71 -13.67 -18.90
C GLY A 8 -19.94 -14.97 -18.16
N LEU A 9 -20.56 -15.95 -18.83
CA LEU A 9 -20.75 -17.27 -18.22
C LEU A 9 -19.43 -18.00 -18.01
N VAL A 10 -18.38 -17.63 -18.75
CA VAL A 10 -17.07 -18.23 -18.55
C VAL A 10 -16.39 -17.64 -17.32
N ALA A 11 -16.46 -16.31 -17.17
CA ALA A 11 -15.81 -15.66 -16.04
C ALA A 11 -16.41 -16.13 -14.71
N GLU A 12 -17.73 -16.32 -14.67
CA GLU A 12 -18.36 -16.84 -13.46
C GLU A 12 -17.98 -18.29 -13.22
N ALA A 13 -17.83 -19.07 -14.29
CA ALA A 13 -17.42 -20.46 -14.13
C ALA A 13 -16.00 -20.57 -13.60
N GLU A 14 -15.10 -19.69 -14.07
CA GLU A 14 -13.73 -19.69 -13.57
C GLU A 14 -13.69 -19.24 -12.10
N ALA A 15 -14.53 -18.27 -11.73
CA ALA A 15 -14.59 -17.84 -10.34
C ALA A 15 -15.16 -18.94 -9.44
N VAL A 16 -15.99 -19.82 -9.99
CA VAL A 16 -16.50 -20.95 -9.23
C VAL A 16 -15.42 -22.00 -9.03
N ALA A 17 -14.73 -22.36 -10.12
CA ALA A 17 -13.64 -23.33 -10.01
C ALA A 17 -12.49 -22.79 -9.18
N ALA A 18 -12.29 -21.48 -9.18
CA ALA A 18 -11.26 -20.88 -8.32
C ALA A 18 -11.61 -21.04 -6.85
N GLY A 19 -12.90 -21.00 -6.52
CA GLY A 19 -13.32 -21.27 -5.15
C GLY A 19 -13.16 -22.73 -4.77
N TRP A 20 -13.35 -23.63 -5.73
CA TRP A 20 -13.10 -25.05 -5.47
C TRP A 20 -11.62 -25.32 -5.25
N MET A 21 -10.76 -24.64 -6.01
CA MET A 21 -9.32 -24.84 -5.84
C MET A 21 -8.83 -24.25 -4.53
N LEU A 22 -9.39 -23.11 -4.12
CA LEU A 22 -8.97 -22.50 -2.87
C LEU A 22 -9.31 -23.38 -1.67
N ASP A 23 -10.50 -24.00 -1.69
CA ASP A 23 -10.86 -24.89 -0.59
C ASP A 23 -9.96 -26.12 -0.56
N PHE A 24 -9.70 -26.72 -1.73
CA PHE A 24 -8.84 -27.90 -1.77
C PHE A 24 -7.43 -27.56 -1.30
N LEU A 25 -6.86 -26.46 -1.80
CA LEU A 25 -5.54 -26.03 -1.38
C LEU A 25 -5.50 -25.68 0.11
N CYS A 26 -6.66 -25.43 0.72
CA CYS A 26 -6.70 -25.24 2.17
C CYS A 26 -6.63 -26.56 2.90
N LEU A 27 -7.30 -27.60 2.38
CA LEU A 27 -7.18 -28.94 2.96
C LEU A 27 -5.75 -29.46 2.84
N SER A 28 -5.15 -29.31 1.67
CA SER A 28 -3.79 -29.79 1.45
C SER A 28 -2.80 -29.03 2.32
N LEU A 29 -3.05 -27.73 2.54
CA LEU A 29 -2.16 -26.96 3.40
C LEU A 29 -2.35 -27.36 4.86
N CYS A 30 -3.60 -27.55 5.29
CA CYS A 30 -3.86 -27.98 6.66
C CYS A 30 -3.29 -29.37 6.92
N ARG A 31 -3.43 -30.28 5.96
CA ARG A 31 -2.94 -31.64 6.16
C ARG A 31 -1.43 -31.70 6.14
N ALA A 32 -0.80 -30.94 5.24
CA ALA A 32 0.66 -30.88 5.23
C ALA A 32 1.21 -30.21 6.48
N PHE A 33 0.47 -29.25 7.03
CA PHE A 33 0.90 -28.61 8.28
C PHE A 33 0.81 -29.60 9.44
N ARG A 34 -0.31 -30.31 9.56
CA ARG A 34 -0.46 -31.29 10.62
C ARG A 34 0.56 -32.42 10.49
N ASP A 35 0.69 -32.98 9.30
CA ASP A 35 1.60 -34.10 9.08
C ASP A 35 3.06 -33.71 9.19
N GLY A 36 3.37 -32.42 9.22
CA GLY A 36 4.76 -31.99 9.27
C GLY A 36 5.53 -32.19 7.99
N ARG A 37 4.85 -32.28 6.85
CA ARG A 37 5.52 -32.40 5.56
C ARG A 37 5.91 -31.00 5.10
N SER A 38 7.17 -30.64 5.34
CA SER A 38 7.63 -29.27 5.13
C SER A 38 7.61 -28.89 3.66
N GLU A 39 8.12 -29.76 2.79
CA GLU A 39 8.22 -29.42 1.38
C GLU A 39 6.86 -29.40 0.70
N ASP A 40 5.97 -30.34 1.06
CA ASP A 40 4.60 -30.29 0.56
C ASP A 40 3.87 -29.05 1.07
N PHE A 41 4.24 -28.56 2.26
CA PHE A 41 3.65 -27.34 2.77
C PHE A 41 4.14 -26.12 2.00
N ARG A 42 5.40 -26.14 1.55
CA ARG A 42 5.93 -25.01 0.80
C ARG A 42 5.30 -24.93 -0.59
N ARG A 43 5.08 -26.07 -1.23
CA ARG A 43 4.48 -26.07 -2.56
C ARG A 43 3.00 -25.73 -2.51
N THR A 44 2.27 -26.29 -1.53
CA THR A 44 0.86 -25.99 -1.41
C THR A 44 0.62 -24.53 -1.05
N ARG A 45 1.53 -23.95 -0.24
CA ARG A 45 1.41 -22.53 0.10
C ARG A 45 1.56 -21.66 -1.15
N ASN A 46 2.50 -22.01 -2.03
CA ASN A 46 2.67 -21.24 -3.26
C ASN A 46 1.46 -21.39 -4.16
N SER A 47 0.86 -22.58 -4.22
CA SER A 47 -0.33 -22.77 -5.02
C SER A 47 -1.51 -22.01 -4.44
N ALA A 48 -1.62 -21.97 -3.12
CA ALA A 48 -2.73 -21.24 -2.49
C ALA A 48 -2.59 -19.74 -2.70
N GLU A 49 -1.37 -19.20 -2.53
CA GLU A 49 -1.18 -17.76 -2.68
C GLU A 49 -1.43 -17.29 -4.11
N ALA A 50 -1.11 -18.13 -5.10
CA ALA A 50 -1.35 -17.74 -6.48
C ALA A 50 -2.84 -17.75 -6.81
N ILE A 51 -3.58 -18.75 -6.29
CA ILE A 51 -5.02 -18.80 -6.53
C ILE A 51 -5.72 -17.66 -5.80
N ILE A 52 -5.27 -17.35 -4.58
CA ILE A 52 -5.84 -16.22 -3.84
C ILE A 52 -5.62 -14.92 -4.59
N HIS A 53 -4.38 -14.71 -5.07
CA HIS A 53 -4.08 -13.50 -5.82
C HIS A 53 -4.89 -13.42 -7.11
N GLY A 54 -5.31 -14.56 -7.66
CA GLY A 54 -6.12 -14.57 -8.85
C GLY A 54 -7.59 -14.27 -8.64
N LEU A 55 -8.04 -14.26 -7.38
CA LEU A 55 -9.43 -13.97 -7.08
C LEU A 55 -9.71 -12.48 -7.20
N SER A 56 -10.77 -12.14 -7.93
CA SER A 56 -11.11 -10.74 -8.14
C SER A 56 -11.90 -10.15 -6.97
N SER A 57 -12.81 -10.94 -6.39
CA SER A 57 -13.59 -10.51 -5.23
C SER A 57 -13.75 -11.69 -4.28
N LEU A 58 -13.81 -11.39 -3.00
CA LEU A 58 -13.84 -12.40 -1.95
C LEU A 58 -15.18 -12.38 -1.23
N THR A 59 -15.66 -13.57 -0.88
CA THR A 59 -16.82 -13.72 0.00
C THR A 59 -16.35 -13.86 1.43
N ALA A 60 -17.32 -13.85 2.36
CA ALA A 60 -16.99 -14.01 3.77
C ALA A 60 -16.43 -15.41 4.05
N CYS A 61 -16.94 -16.42 3.35
CA CYS A 61 -16.44 -17.77 3.54
C CYS A 61 -15.04 -17.94 2.98
N GLN A 62 -14.75 -17.28 1.85
CA GLN A 62 -13.42 -17.38 1.27
C GLN A 62 -12.39 -16.61 2.10
N LEU A 63 -12.77 -15.46 2.65
CA LEU A 63 -11.87 -14.72 3.52
C LEU A 63 -11.48 -15.54 4.74
N ARG A 64 -12.43 -16.31 5.27
CA ARG A 64 -12.13 -17.22 6.37
C ARG A 64 -11.12 -18.28 5.94
N THR A 65 -11.23 -18.76 4.70
CA THR A 65 -10.29 -19.76 4.19
C THR A 65 -8.90 -19.15 4.01
N ILE A 66 -8.84 -17.90 3.55
CA ILE A 66 -7.54 -17.25 3.34
C ILE A 66 -6.85 -17.01 4.67
N TYR A 67 -7.60 -16.60 5.69
CA TYR A 67 -7.01 -16.36 7.01
C TYR A 67 -6.51 -17.66 7.63
N ILE A 68 -7.19 -18.78 7.38
CA ILE A 68 -6.69 -20.06 7.84
C ILE A 68 -5.35 -20.39 7.19
N CYS A 69 -5.24 -20.11 5.89
CA CYS A 69 -3.97 -20.34 5.19
C CYS A 69 -2.89 -19.38 5.70
N GLN A 70 -3.25 -18.13 5.93
CA GLN A 70 -2.28 -17.17 6.46
C GLN A 70 -1.83 -17.57 7.86
N PHE A 71 -2.77 -18.01 8.70
CA PHE A 71 -2.43 -18.37 10.08
C PHE A 71 -1.44 -19.52 10.12
N LEU A 72 -1.59 -20.50 9.24
CA LEU A 72 -0.68 -21.64 9.25
C LEU A 72 0.72 -21.26 8.76
N THR A 73 0.82 -20.22 7.93
CA THR A 73 2.12 -19.81 7.42
C THR A 73 2.95 -19.09 8.48
N ARG A 74 2.33 -18.22 9.27
CA ARG A 74 3.07 -17.52 10.32
C ARG A 74 3.43 -18.46 11.46
N ILE A 75 2.55 -19.42 11.77
CA ILE A 75 2.87 -20.39 12.80
C ILE A 75 4.01 -21.30 12.35
N ALA A 76 4.01 -21.70 11.08
CA ALA A 76 5.09 -22.52 10.56
C ALA A 76 6.42 -21.79 10.60
N ALA A 77 6.39 -20.45 10.46
CA ALA A 77 7.58 -19.62 10.55
C ALA A 77 7.65 -18.87 11.87
N GLY A 78 7.12 -19.45 12.95
CA GLY A 78 7.10 -18.75 14.23
C GLY A 78 8.48 -18.55 14.82
N LYS A 79 9.37 -19.52 14.62
CA LYS A 79 10.73 -19.43 15.13
C LYS A 79 11.70 -18.77 14.16
N THR A 80 11.24 -18.43 12.95
CA THR A 80 12.06 -17.71 11.98
C THR A 80 11.85 -16.22 12.21
N LEU A 81 12.72 -15.62 13.03
CA LEU A 81 12.52 -14.24 13.43
C LEU A 81 12.85 -13.25 12.33
N ASP A 82 13.73 -13.60 11.40
CA ASP A 82 14.08 -12.69 10.32
C ASP A 82 13.08 -12.73 9.16
N ALA A 83 11.89 -13.31 9.37
CA ALA A 83 10.85 -13.36 8.35
C ALA A 83 9.85 -12.24 8.60
N GLN A 84 9.52 -11.50 7.55
CA GLN A 84 8.64 -10.35 7.63
C GLN A 84 7.36 -10.66 6.85
N PHE A 85 6.25 -10.83 7.58
CA PHE A 85 4.97 -11.13 6.96
C PHE A 85 4.09 -9.90 6.72
N GLU A 86 4.34 -8.81 7.44
CA GLU A 86 3.55 -7.59 7.30
C GLU A 86 4.46 -6.44 6.88
N ASN A 87 3.83 -5.38 6.35
CA ASN A 87 4.60 -4.20 5.96
C ASN A 87 5.31 -3.58 7.15
N ASP A 88 4.71 -3.62 8.33
CA ASP A 88 5.37 -3.15 9.53
C ASP A 88 6.50 -4.11 9.89
N GLU A 89 7.74 -3.63 9.81
CA GLU A 89 8.91 -4.47 10.01
C GLU A 89 9.07 -4.96 11.45
N ARG A 90 8.32 -4.40 12.40
CA ARG A 90 8.47 -4.78 13.80
C ARG A 90 7.53 -5.91 14.22
N ILE A 91 6.69 -6.39 13.32
CA ILE A 91 5.72 -7.43 13.64
C ILE A 91 6.38 -8.79 13.44
N THR A 92 6.60 -9.51 14.53
CA THR A 92 7.16 -10.86 14.45
C THR A 92 6.11 -11.82 13.89
N PRO A 93 6.55 -12.95 13.33
CA PRO A 93 5.57 -13.90 12.77
C PRO A 93 4.52 -14.37 13.77
N LEU A 94 4.91 -14.67 15.00
CA LEU A 94 3.93 -15.08 16.00
C LEU A 94 3.00 -13.92 16.37
N GLU A 95 3.50 -12.70 16.32
CA GLU A 95 2.62 -11.54 16.50
C GLU A 95 1.64 -11.42 15.33
N SER A 96 2.09 -11.75 14.12
CA SER A 96 1.20 -11.72 12.97
C SER A 96 0.16 -12.83 13.04
N ALA A 97 0.56 -14.01 13.51
CA ALA A 97 -0.39 -15.11 13.66
C ALA A 97 -1.42 -14.80 14.74
N LEU A 98 -1.04 -14.00 15.74
CA LEU A 98 -2.00 -13.64 16.79
C LEU A 98 -3.09 -12.73 16.25
N MET A 99 -2.73 -11.80 15.37
CA MET A 99 -3.73 -10.89 14.81
C MET A 99 -4.70 -11.64 13.90
N ILE A 100 -4.22 -12.65 13.18
CA ILE A 100 -5.10 -13.43 12.31
C ILE A 100 -6.00 -14.33 13.15
N TRP A 101 -5.48 -14.85 14.27
CA TRP A 101 -6.27 -15.72 15.13
C TRP A 101 -7.50 -15.00 15.68
N GLY A 102 -7.38 -13.70 15.92
CA GLY A 102 -8.51 -12.90 16.34
C GLY A 102 -9.39 -12.37 15.24
N SER A 103 -9.08 -12.72 13.98
CA SER A 103 -9.86 -12.27 12.84
C SER A 103 -10.64 -13.38 12.15
N ILE A 104 -10.23 -14.64 12.32
CA ILE A 104 -10.97 -15.75 11.73
C ILE A 104 -12.34 -15.84 12.39
N GLU A 105 -13.39 -15.90 11.58
CA GLU A 105 -14.72 -16.11 12.12
C GLU A 105 -14.84 -17.54 12.61
N LYS A 106 -14.87 -17.71 13.94
CA LYS A 106 -14.85 -19.03 14.55
C LYS A 106 -15.35 -18.91 15.97
N GLU A 107 -15.46 -20.06 16.63
CA GLU A 107 -15.86 -20.09 18.03
C GLU A 107 -14.75 -19.54 18.91
N HIS A 108 -15.11 -18.70 19.87
CA HIS A 108 -14.17 -18.25 20.89
C HIS A 108 -14.37 -19.08 22.16
N ASP A 109 -14.05 -20.36 22.03
CA ASP A 109 -14.27 -21.33 23.08
C ASP A 109 -12.99 -21.52 23.92
N LYS A 110 -12.96 -22.60 24.69
CA LYS A 110 -11.80 -22.88 25.53
C LYS A 110 -10.55 -23.12 24.68
N LEU A 111 -10.68 -23.88 23.59
CA LEU A 111 -9.54 -24.16 22.75
C LEU A 111 -9.01 -22.90 22.08
N HIS A 112 -9.91 -21.99 21.68
CA HIS A 112 -9.48 -20.74 21.06
C HIS A 112 -8.72 -19.87 22.05
N GLU A 113 -9.19 -19.81 23.30
CA GLU A 113 -8.51 -19.00 24.30
C GLU A 113 -7.17 -19.62 24.70
N GLU A 114 -7.08 -20.95 24.71
CA GLU A 114 -5.80 -21.60 25.03
C GLU A 114 -4.77 -21.35 23.94
N ILE A 115 -5.19 -21.41 22.67
CA ILE A 115 -4.25 -21.18 21.58
C ILE A 115 -3.78 -19.73 21.57
N GLN A 116 -4.70 -18.79 21.82
CA GLN A 116 -4.33 -17.38 21.81
C GLN A 116 -3.30 -17.07 22.88
N ASN A 117 -3.53 -17.57 24.10
CA ASN A 117 -2.58 -17.30 25.18
C ASN A 117 -1.24 -17.99 24.93
N LEU A 118 -1.25 -19.17 24.32
CA LEU A 118 0.00 -19.84 23.98
C LEU A 118 0.76 -19.07 22.90
N ILE A 119 0.06 -18.41 21.98
CA ILE A 119 0.73 -17.60 20.98
C ILE A 119 1.38 -16.39 21.63
N LYS A 120 0.68 -15.74 22.56
CA LYS A 120 1.24 -14.58 23.25
C LYS A 120 2.49 -14.95 24.04
N ILE A 121 2.44 -16.09 24.74
CA ILE A 121 3.58 -16.50 25.56
C ILE A 121 4.77 -16.87 24.67
N GLN A 122 4.52 -17.64 23.62
CA GLN A 122 5.61 -18.08 22.75
C GLN A 122 6.14 -16.95 21.86
N ALA A 123 5.34 -15.91 21.62
CA ALA A 123 5.85 -14.78 20.85
C ALA A 123 7.01 -14.10 21.57
N ILE A 124 7.02 -14.15 22.90
CA ILE A 124 8.13 -13.63 23.68
C ILE A 124 9.23 -14.69 23.86
N ALA A 125 8.83 -15.95 24.04
CA ALA A 125 9.80 -17.01 24.26
C ALA A 125 10.70 -17.20 23.05
N VAL A 126 10.15 -17.03 21.85
CA VAL A 126 10.96 -17.16 20.63
C VAL A 126 12.04 -16.08 20.59
N CYS A 127 11.70 -14.86 21.01
CA CYS A 127 12.71 -13.81 21.07
C CYS A 127 13.72 -14.06 22.18
N MET A 128 13.30 -14.75 23.26
CA MET A 128 14.20 -14.99 24.37
C MET A 128 15.35 -15.92 23.96
N GLU A 129 15.03 -17.01 23.28
CA GLU A 129 16.02 -17.98 22.82
C GLU A 129 16.76 -17.53 21.58
N ASN A 130 17.00 -16.22 21.43
CA ASN A 130 17.85 -15.70 20.36
C ASN A 130 18.74 -14.56 20.83
N GLY A 131 18.71 -14.19 22.11
CA GLY A 131 19.43 -13.03 22.59
C GLY A 131 18.72 -11.71 22.37
N ASN A 132 17.56 -11.71 21.70
CA ASN A 132 16.84 -10.47 21.40
C ASN A 132 15.96 -10.10 22.59
N PHE A 133 16.63 -9.75 23.69
CA PHE A 133 15.91 -9.29 24.88
C PHE A 133 15.27 -7.93 24.68
N LYS A 134 15.80 -7.12 23.76
CA LYS A 134 15.17 -5.84 23.46
C LYS A 134 13.89 -6.03 22.67
N GLU A 135 13.92 -6.88 21.64
CA GLU A 135 12.71 -7.14 20.87
C GLU A 135 11.66 -7.88 21.69
N ALA A 136 12.09 -8.78 22.58
CA ALA A 136 11.14 -9.46 23.45
C ALA A 136 10.42 -8.48 24.36
N GLU A 137 11.08 -7.39 24.74
CA GLU A 137 10.42 -6.36 25.53
C GLU A 137 9.47 -5.54 24.67
N GLU A 138 9.79 -5.34 23.39
CA GLU A 138 8.90 -4.64 22.49
C GLU A 138 7.68 -5.50 22.15
N VAL A 139 7.89 -6.80 21.94
CA VAL A 139 6.78 -7.70 21.66
C VAL A 139 5.86 -7.79 22.87
N PHE A 140 6.41 -7.70 24.08
CA PHE A 140 5.60 -7.81 25.29
C PHE A 140 4.61 -6.65 25.40
N GLU A 141 4.99 -5.46 24.92
CA GLU A 141 4.14 -4.29 25.09
C GLU A 141 3.07 -4.22 24.02
N ARG A 142 3.39 -4.62 22.79
CA ARG A 142 2.38 -4.62 21.73
C ARG A 142 1.28 -5.62 22.02
N ILE A 143 1.58 -6.70 22.73
CA ILE A 143 0.61 -7.73 23.05
C ILE A 143 -0.09 -7.38 24.36
N PHE A 144 0.68 -7.22 25.43
CA PHE A 144 0.12 -6.93 26.75
C PHE A 144 0.14 -5.46 27.11
N GLY A 145 1.30 -4.97 27.54
CA GLY A 145 1.47 -3.56 27.93
C GLY A 145 0.31 -3.44 28.90
N ASP A 146 -0.36 -2.27 28.93
CA ASP A 146 -1.49 -2.06 29.86
C ASP A 146 -2.76 -1.68 29.07
N PRO A 147 -3.11 -2.43 27.99
CA PRO A 147 -4.32 -2.12 27.23
C PRO A 147 -5.57 -2.18 28.12
N ASN A 148 -5.79 -3.33 28.78
CA ASN A 148 -6.94 -3.54 29.70
C ASN A 148 -6.53 -4.53 30.78
N SER A 149 -5.30 -5.04 30.69
CA SER A 149 -4.76 -6.03 31.67
C SER A 149 -5.71 -7.23 31.80
N HIS A 150 -5.90 -7.98 30.71
CA HIS A 150 -6.79 -9.17 30.72
C HIS A 150 -5.96 -10.45 30.60
N MET A 151 -5.03 -10.66 31.54
CA MET A 151 -4.16 -11.87 31.54
C MET A 151 -3.51 -12.01 32.92
N PRO A 152 -3.50 -13.23 33.52
CA PRO A 152 -2.90 -13.44 34.85
C PRO A 152 -1.38 -13.38 34.85
N PHE A 153 -0.73 -14.16 33.99
CA PHE A 153 0.73 -14.23 33.98
C PHE A 153 1.35 -13.04 33.27
N LYS A 154 0.56 -11.97 33.09
CA LYS A 154 1.07 -10.75 32.48
C LYS A 154 2.22 -10.16 33.27
N SER A 155 2.20 -10.28 34.59
CA SER A 155 3.29 -9.78 35.41
C SER A 155 4.45 -10.78 35.50
N LYS A 156 4.16 -12.07 35.37
CA LYS A 156 5.23 -13.06 35.45
C LYS A 156 6.11 -13.03 34.22
N LEU A 157 5.52 -12.75 33.05
CA LEU A 157 6.31 -12.67 31.83
C LEU A 157 7.24 -11.46 31.85
N LEU A 158 6.80 -10.36 32.47
CA LEU A 158 7.61 -9.14 32.49
C LEU A 158 8.93 -9.38 33.22
N MET A 159 8.89 -10.09 34.35
CA MET A 159 10.12 -10.34 35.10
C MET A 159 11.04 -11.28 34.35
N ILE A 160 10.49 -12.33 33.73
CA ILE A 160 11.31 -13.27 32.97
C ILE A 160 12.09 -12.54 31.88
N ILE A 161 11.48 -11.52 31.26
CA ILE A 161 12.21 -10.69 30.31
C ILE A 161 13.33 -9.93 31.00
N SER A 162 13.07 -9.41 32.20
CA SER A 162 14.11 -8.74 32.96
C SER A 162 15.15 -9.75 33.47
N GLN A 163 14.75 -11.01 33.68
CA GLN A 163 15.71 -12.03 34.06
C GLN A 163 16.74 -12.28 32.97
N LYS A 164 16.38 -11.98 31.71
CA LYS A 164 17.16 -12.39 30.55
C LYS A 164 17.39 -13.90 30.56
N ASP A 165 16.43 -14.64 31.11
CA ASP A 165 16.49 -16.10 31.18
C ASP A 165 16.17 -16.63 29.80
N THR A 166 17.22 -16.93 29.03
CA THR A 166 17.05 -17.35 27.64
C THR A 166 16.17 -18.60 27.55
N PHE A 167 16.39 -19.57 28.44
CA PHE A 167 15.65 -20.82 28.43
C PHE A 167 15.04 -21.03 29.82
N HIS A 168 13.85 -20.48 30.01
CA HIS A 168 13.15 -20.56 31.29
C HIS A 168 12.17 -21.73 31.29
N SER A 169 11.96 -22.31 32.48
CA SER A 169 11.05 -23.44 32.60
C SER A 169 9.60 -23.06 32.36
N PHE A 170 9.24 -21.79 32.59
CA PHE A 170 7.87 -21.36 32.31
C PHE A 170 7.57 -21.44 30.81
N PHE A 171 8.54 -21.07 29.97
CA PHE A 171 8.37 -21.20 28.53
C PHE A 171 8.29 -22.65 28.08
N GLN A 172 8.80 -23.59 28.88
CA GLN A 172 8.75 -24.99 28.50
C GLN A 172 7.42 -25.66 28.85
N HIS A 173 6.71 -25.15 29.86
CA HIS A 173 5.40 -25.69 30.16
C HIS A 173 4.36 -25.19 29.18
N PHE A 174 4.33 -23.89 28.92
CA PHE A 174 3.55 -23.32 27.82
C PHE A 174 4.44 -23.26 26.57
N SER A 175 4.79 -24.46 26.10
CA SER A 175 5.84 -24.64 25.11
C SER A 175 5.36 -24.33 23.71
N TYR A 176 6.33 -24.26 22.79
CA TYR A 176 6.03 -24.09 21.37
C TYR A 176 5.31 -25.31 20.82
N ASN A 177 5.63 -26.50 21.34
CA ASN A 177 5.00 -27.72 20.87
C ASN A 177 3.58 -27.87 21.39
N HIS A 178 3.31 -27.42 22.62
CA HIS A 178 1.96 -27.45 23.14
C HIS A 178 1.07 -26.50 22.36
N MET A 179 1.62 -25.36 21.91
CA MET A 179 0.90 -24.50 21.00
C MET A 179 0.67 -25.17 19.66
N MET A 180 1.65 -25.94 19.19
CA MET A 180 1.54 -26.62 17.91
C MET A 180 0.43 -27.66 17.93
N GLU A 181 0.44 -28.55 18.93
CA GLU A 181 -0.51 -29.66 18.93
C GLU A 181 -1.94 -29.17 19.15
N LYS A 182 -2.12 -28.04 19.83
CA LYS A 182 -3.45 -27.47 19.98
C LYS A 182 -3.93 -26.81 18.68
N ILE A 183 -3.01 -26.23 17.91
CA ILE A 183 -3.37 -25.73 16.58
C ILE A 183 -3.72 -26.89 15.66
N LYS A 184 -2.93 -27.97 15.72
CA LYS A 184 -3.25 -29.14 14.90
C LYS A 184 -4.54 -29.80 15.34
N SER A 185 -4.91 -29.67 16.62
CA SER A 185 -6.22 -30.14 17.06
C SER A 185 -7.34 -29.35 16.39
N TYR A 186 -7.13 -28.04 16.21
CA TYR A 186 -8.06 -27.23 15.44
C TYR A 186 -7.93 -27.48 13.95
N VAL A 187 -6.73 -27.77 13.46
CA VAL A 187 -6.55 -28.11 12.06
C VAL A 187 -7.31 -29.38 11.73
N ASN A 188 -7.30 -30.35 12.63
CA ASN A 188 -8.08 -31.57 12.42
C ASN A 188 -9.58 -31.28 12.41
N TYR A 189 -10.01 -30.22 13.10
CA TYR A 189 -11.41 -29.83 13.01
C TYR A 189 -11.71 -29.22 11.64
N VAL A 190 -10.84 -28.34 11.15
CA VAL A 190 -11.03 -27.79 9.82
C VAL A 190 -10.89 -28.87 8.77
N LEU A 191 -10.03 -29.86 9.01
CA LEU A 191 -9.88 -30.97 8.08
C LEU A 191 -11.17 -31.76 7.95
N SER A 192 -11.90 -31.90 9.06
CA SER A 192 -13.19 -32.59 9.03
C SER A 192 -14.31 -31.69 8.54
N GLU A 193 -14.24 -30.39 8.86
CA GLU A 193 -15.31 -29.48 8.47
C GLU A 193 -15.38 -29.34 6.95
N LYS A 194 -14.23 -29.31 6.28
CA LYS A 194 -14.17 -29.08 4.84
C LYS A 194 -13.92 -30.36 4.05
N SER A 195 -13.96 -31.53 4.69
CA SER A 195 -13.67 -32.78 3.99
C SER A 195 -14.71 -33.10 2.92
N SER A 196 -15.89 -32.48 2.98
CA SER A 196 -16.94 -32.72 2.00
C SER A 196 -16.98 -31.68 0.90
N THR A 197 -15.93 -30.85 0.80
CA THR A 197 -15.87 -29.87 -0.29
C THR A 197 -15.68 -30.57 -1.62
N PHE A 198 -16.09 -29.88 -2.69
CA PHE A 198 -16.32 -30.53 -3.99
C PHE A 198 -15.04 -31.19 -4.52
N LEU A 199 -13.96 -30.42 -4.64
CA LEU A 199 -12.80 -30.91 -5.38
C LEU A 199 -12.14 -32.11 -4.69
N MET A 200 -11.92 -32.01 -3.38
CA MET A 200 -11.36 -33.15 -2.65
C MET A 200 -12.33 -34.32 -2.61
N LYS A 201 -13.63 -34.03 -2.63
CA LYS A 201 -14.64 -35.08 -2.58
C LYS A 201 -14.62 -35.93 -3.84
N ALA A 202 -14.74 -35.28 -5.01
CA ALA A 202 -14.73 -36.03 -6.26
C ALA A 202 -13.39 -36.71 -6.50
N ALA A 203 -12.30 -36.11 -6.01
CA ALA A 203 -10.99 -36.76 -6.14
C ALA A 203 -10.91 -38.00 -5.26
N ALA A 204 -11.55 -37.98 -4.09
CA ALA A 204 -11.54 -39.15 -3.23
C ALA A 204 -12.37 -40.27 -3.84
N LYS A 205 -13.52 -39.95 -4.44
CA LYS A 205 -14.35 -40.96 -5.08
C LYS A 205 -13.60 -41.67 -6.21
N VAL A 206 -12.83 -40.90 -6.98
CA VAL A 206 -12.06 -41.50 -8.08
C VAL A 206 -11.05 -42.50 -7.55
N VAL A 207 -10.42 -42.19 -6.42
CA VAL A 207 -9.41 -43.08 -5.85
C VAL A 207 -10.06 -44.28 -5.17
N GLU A 208 -11.27 -44.11 -4.62
CA GLU A 208 -11.91 -45.20 -3.90
C GLU A 208 -12.18 -46.40 -4.81
N SER A 209 -12.72 -46.15 -6.01
CA SER A 209 -13.00 -47.25 -6.92
C SER A 209 -11.73 -47.85 -7.50
N LYS A 210 -10.67 -47.06 -7.62
CA LYS A 210 -9.42 -47.54 -8.21
C LYS A 210 -8.64 -48.40 -7.22
N GLU B 5 -2.19 -46.55 3.27
CA GLU B 5 -3.38 -46.32 4.08
C GLU B 5 -4.08 -45.03 3.70
N ASP B 6 -4.63 -44.33 4.70
CA ASP B 6 -5.27 -43.04 4.46
C ASP B 6 -4.28 -42.05 3.86
N ALA B 7 -3.04 -42.05 4.33
CA ALA B 7 -2.04 -41.13 3.79
C ALA B 7 -1.72 -41.44 2.33
N GLY B 8 -1.77 -42.71 1.94
CA GLY B 8 -1.53 -43.06 0.55
C GLY B 8 -2.69 -42.68 -0.35
N LEU B 9 -3.93 -42.92 0.10
CA LEU B 9 -5.08 -42.53 -0.70
C LEU B 9 -5.24 -41.02 -0.77
N VAL B 10 -4.77 -40.30 0.24
CA VAL B 10 -4.81 -38.84 0.19
C VAL B 10 -3.83 -38.34 -0.87
N ALA B 11 -2.63 -38.91 -0.92
CA ALA B 11 -1.65 -38.48 -1.92
C ALA B 11 -2.16 -38.75 -3.33
N GLU B 12 -2.87 -39.86 -3.53
CA GLU B 12 -3.45 -40.13 -4.84
C GLU B 12 -4.60 -39.17 -5.14
N ALA B 13 -5.41 -38.86 -4.13
CA ALA B 13 -6.52 -37.93 -4.34
C ALA B 13 -6.02 -36.52 -4.66
N GLU B 14 -4.92 -36.11 -4.02
CA GLU B 14 -4.35 -34.80 -4.33
C GLU B 14 -3.69 -34.77 -5.71
N ALA B 15 -3.29 -35.94 -6.23
CA ALA B 15 -2.74 -35.98 -7.58
C ALA B 15 -3.83 -35.89 -8.63
N VAL B 16 -5.00 -36.49 -8.36
CA VAL B 16 -6.12 -36.39 -9.31
C VAL B 16 -6.65 -34.97 -9.35
N ALA B 17 -6.74 -34.30 -8.20
CA ALA B 17 -7.20 -32.91 -8.17
C ALA B 17 -6.18 -31.99 -8.83
N ALA B 18 -4.88 -32.29 -8.67
CA ALA B 18 -3.86 -31.45 -9.29
C ALA B 18 -3.92 -31.55 -10.81
N GLY B 19 -4.19 -32.74 -11.34
CA GLY B 19 -4.37 -32.88 -12.77
C GLY B 19 -5.61 -32.18 -13.29
N TRP B 20 -6.68 -32.15 -12.47
CA TRP B 20 -7.88 -31.39 -12.87
C TRP B 20 -7.59 -29.89 -12.90
N MET B 21 -6.80 -29.41 -11.94
CA MET B 21 -6.51 -27.98 -11.89
C MET B 21 -5.58 -27.56 -13.02
N LEU B 22 -4.68 -28.44 -13.45
CA LEU B 22 -3.79 -28.11 -14.56
C LEU B 22 -4.57 -27.96 -15.86
N ASP B 23 -5.50 -28.89 -16.13
CA ASP B 23 -6.30 -28.79 -17.35
C ASP B 23 -7.19 -27.55 -17.32
N PHE B 24 -7.70 -27.19 -16.15
CA PHE B 24 -8.52 -25.99 -16.05
C PHE B 24 -7.69 -24.73 -16.24
N LEU B 25 -6.58 -24.62 -15.50
CA LEU B 25 -5.73 -23.44 -15.63
C LEU B 25 -5.10 -23.34 -17.01
N CYS B 26 -4.91 -24.47 -17.70
CA CYS B 26 -4.47 -24.41 -19.08
C CYS B 26 -5.54 -23.81 -19.98
N LEU B 27 -6.80 -24.20 -19.76
CA LEU B 27 -7.89 -23.63 -20.55
C LEU B 27 -8.08 -22.15 -20.24
N SER B 28 -7.91 -21.76 -18.98
CA SER B 28 -8.01 -20.35 -18.62
C SER B 28 -6.85 -19.55 -19.19
N LEU B 29 -5.67 -20.16 -19.31
CA LEU B 29 -4.52 -19.46 -19.88
C LEU B 29 -4.69 -19.25 -21.37
N CYS B 30 -5.15 -20.28 -22.09
CA CYS B 30 -5.40 -20.13 -23.52
C CYS B 30 -6.48 -19.10 -23.79
N ARG B 31 -7.48 -19.01 -22.90
CA ARG B 31 -8.59 -18.10 -23.12
C ARG B 31 -8.17 -16.65 -22.87
N ALA B 32 -7.39 -16.42 -21.81
CA ALA B 32 -6.85 -15.07 -21.59
C ALA B 32 -5.86 -14.67 -22.65
N PHE B 33 -5.12 -15.64 -23.20
CA PHE B 33 -4.18 -15.34 -24.28
C PHE B 33 -4.94 -14.99 -25.56
N ARG B 34 -5.97 -15.78 -25.90
CA ARG B 34 -6.76 -15.50 -27.08
C ARG B 34 -7.44 -14.14 -27.00
N ASP B 35 -8.15 -13.89 -25.89
CA ASP B 35 -8.82 -12.61 -25.71
C ASP B 35 -7.86 -11.45 -25.60
N GLY B 36 -6.62 -11.70 -25.20
CA GLY B 36 -5.66 -10.63 -25.01
C GLY B 36 -5.71 -9.98 -23.65
N ARG B 37 -6.33 -10.62 -22.66
CA ARG B 37 -6.39 -10.08 -21.31
C ARG B 37 -5.05 -10.34 -20.63
N SER B 38 -4.22 -9.31 -20.57
CA SER B 38 -2.84 -9.48 -20.10
C SER B 38 -2.79 -9.72 -18.59
N GLU B 39 -3.58 -8.96 -17.82
CA GLU B 39 -3.54 -9.13 -16.37
C GLU B 39 -4.07 -10.48 -15.94
N ASP B 40 -5.15 -10.95 -16.58
CA ASP B 40 -5.65 -12.29 -16.29
C ASP B 40 -4.67 -13.36 -16.76
N PHE B 41 -3.92 -13.08 -17.83
CA PHE B 41 -2.90 -14.01 -18.29
C PHE B 41 -1.75 -14.10 -17.29
N ARG B 42 -1.38 -12.96 -16.69
CA ARG B 42 -0.30 -12.97 -15.71
C ARG B 42 -0.68 -13.73 -14.45
N ARG B 43 -1.92 -13.57 -13.99
CA ARG B 43 -2.35 -14.26 -12.78
C ARG B 43 -2.59 -15.75 -13.02
N THR B 44 -3.21 -16.10 -14.16
CA THR B 44 -3.39 -17.50 -14.48
C THR B 44 -2.06 -18.20 -14.71
N ARG B 45 -1.06 -17.48 -15.19
CA ARG B 45 0.27 -18.05 -15.36
C ARG B 45 0.89 -18.42 -14.02
N ASN B 46 0.78 -17.53 -13.03
CA ASN B 46 1.35 -17.80 -11.71
C ASN B 46 0.65 -18.98 -11.05
N SER B 47 -0.66 -19.10 -11.22
CA SER B 47 -1.39 -20.22 -10.67
C SER B 47 -0.96 -21.53 -11.33
N ALA B 48 -0.78 -21.52 -12.66
CA ALA B 48 -0.33 -22.72 -13.35
C ALA B 48 1.10 -23.09 -12.98
N GLU B 49 1.92 -22.10 -12.64
CA GLU B 49 3.29 -22.38 -12.23
C GLU B 49 3.33 -23.26 -10.99
N ALA B 50 2.64 -22.84 -9.93
CA ALA B 50 2.72 -23.56 -8.68
C ALA B 50 2.00 -24.91 -8.72
N ILE B 51 0.91 -25.00 -9.48
CA ILE B 51 0.22 -26.28 -9.62
C ILE B 51 1.10 -27.28 -10.33
N ILE B 52 1.84 -26.84 -11.35
CA ILE B 52 2.75 -27.74 -12.06
C ILE B 52 3.92 -28.13 -11.15
N HIS B 53 4.45 -27.16 -10.39
CA HIS B 53 5.57 -27.44 -9.49
C HIS B 53 5.19 -28.40 -8.38
N GLY B 54 3.91 -28.50 -8.04
CA GLY B 54 3.48 -29.43 -7.01
C GLY B 54 3.24 -30.85 -7.49
N LEU B 55 3.32 -31.08 -8.80
CA LEU B 55 3.09 -32.40 -9.36
C LEU B 55 4.37 -33.24 -9.26
N SER B 56 4.26 -34.42 -8.66
CA SER B 56 5.42 -35.29 -8.52
C SER B 56 5.76 -35.96 -9.84
N SER B 57 4.85 -36.80 -10.35
CA SER B 57 5.02 -37.47 -11.63
C SER B 57 4.13 -36.82 -12.69
N LEU B 58 4.40 -37.14 -13.95
CA LEU B 58 3.67 -36.56 -15.06
C LEU B 58 3.33 -37.62 -16.08
N THR B 59 2.08 -37.62 -16.54
CA THR B 59 1.68 -38.48 -17.64
C THR B 59 1.93 -37.77 -18.96
N ALA B 60 1.89 -38.55 -20.04
CA ALA B 60 2.13 -37.98 -21.37
C ALA B 60 1.09 -36.93 -21.72
N CYS B 61 -0.14 -37.07 -21.23
CA CYS B 61 -1.17 -36.07 -21.49
C CYS B 61 -0.89 -34.78 -20.72
N GLN B 62 -0.41 -34.89 -19.48
CA GLN B 62 -0.08 -33.70 -18.70
C GLN B 62 1.18 -33.02 -19.22
N LEU B 63 2.12 -33.79 -19.78
CA LEU B 63 3.33 -33.20 -20.33
C LEU B 63 3.01 -32.26 -21.49
N ARG B 64 2.14 -32.69 -22.39
CA ARG B 64 1.72 -31.83 -23.50
C ARG B 64 1.02 -30.58 -22.98
N THR B 65 0.23 -30.71 -21.90
CA THR B 65 -0.46 -29.56 -21.34
C THR B 65 0.54 -28.53 -20.81
N ILE B 66 1.61 -28.99 -20.17
CA ILE B 66 2.62 -28.08 -19.66
C ILE B 66 3.34 -27.38 -20.81
N TYR B 67 3.65 -28.11 -21.88
CA TYR B 67 4.29 -27.50 -23.05
C TYR B 67 3.40 -26.42 -23.65
N ILE B 68 2.09 -26.66 -23.71
CA ILE B 68 1.18 -25.65 -24.26
C ILE B 68 1.17 -24.41 -23.37
N CYS B 69 1.17 -24.59 -22.06
CA CYS B 69 1.24 -23.44 -21.16
C CYS B 69 2.57 -22.72 -21.29
N GLN B 70 3.66 -23.48 -21.47
CA GLN B 70 4.96 -22.86 -21.68
C GLN B 70 5.00 -22.07 -22.98
N PHE B 71 4.37 -22.60 -24.03
CA PHE B 71 4.43 -21.96 -25.34
C PHE B 71 3.76 -20.59 -25.32
N LEU B 72 2.66 -20.46 -24.58
CA LEU B 72 1.92 -19.21 -24.56
C LEU B 72 2.61 -18.15 -23.71
N THR B 73 3.29 -18.56 -22.64
CA THR B 73 3.93 -17.58 -21.77
C THR B 73 5.10 -16.89 -22.47
N ARG B 74 5.73 -17.57 -23.42
CA ARG B 74 6.87 -17.00 -24.11
C ARG B 74 6.48 -16.23 -25.37
N ILE B 75 5.37 -16.62 -26.01
CA ILE B 75 4.84 -15.80 -27.09
C ILE B 75 4.30 -14.49 -26.55
N ALA B 76 3.67 -14.52 -25.36
CA ALA B 76 3.18 -13.30 -24.74
C ALA B 76 4.30 -12.36 -24.32
N ALA B 77 5.52 -12.86 -24.19
CA ALA B 77 6.69 -12.04 -23.88
C ALA B 77 7.72 -12.13 -25.00
N GLY B 78 7.25 -12.21 -26.24
CA GLY B 78 8.16 -12.35 -27.37
C GLY B 78 8.97 -11.12 -27.65
N LYS B 79 8.40 -9.93 -27.46
CA LYS B 79 9.10 -8.69 -27.69
C LYS B 79 9.96 -8.25 -26.51
N THR B 80 9.89 -8.96 -25.38
CA THR B 80 10.70 -8.64 -24.21
C THR B 80 11.97 -9.48 -24.26
N LEU B 81 13.06 -8.88 -24.76
CA LEU B 81 14.26 -9.65 -25.05
C LEU B 81 15.03 -10.05 -23.80
N ASP B 82 15.09 -9.18 -22.79
CA ASP B 82 15.86 -9.50 -21.59
C ASP B 82 15.12 -10.42 -20.62
N ALA B 83 13.95 -10.94 -21.01
CA ALA B 83 13.22 -11.87 -20.17
C ALA B 83 13.75 -13.28 -20.42
N GLN B 84 14.43 -13.84 -19.42
CA GLN B 84 15.03 -15.16 -19.54
C GLN B 84 14.05 -16.22 -19.04
N PHE B 85 13.61 -17.10 -19.93
CA PHE B 85 12.65 -18.14 -19.59
C PHE B 85 13.28 -19.49 -19.32
N GLU B 86 14.53 -19.70 -19.74
CA GLU B 86 15.22 -20.97 -19.54
C GLU B 86 16.45 -20.75 -18.66
N ASN B 87 16.94 -21.84 -18.07
CA ASN B 87 18.20 -21.77 -17.34
C ASN B 87 19.34 -21.39 -18.28
N ASP B 88 19.28 -21.85 -19.52
CA ASP B 88 20.25 -21.43 -20.53
C ASP B 88 20.08 -19.95 -20.80
N GLU B 89 21.13 -19.17 -20.49
CA GLU B 89 21.05 -17.72 -20.52
C GLU B 89 20.98 -17.16 -21.94
N ARG B 90 21.22 -17.97 -22.95
CA ARG B 90 21.29 -17.49 -24.33
C ARG B 90 19.99 -17.62 -25.11
N ILE B 91 18.98 -18.30 -24.55
CA ILE B 91 17.75 -18.56 -25.28
C ILE B 91 16.83 -17.35 -25.13
N THR B 92 16.57 -16.67 -26.24
CA THR B 92 15.60 -15.58 -26.23
C THR B 92 14.19 -16.16 -26.10
N PRO B 93 13.21 -15.34 -25.72
CA PRO B 93 11.84 -15.86 -25.53
C PRO B 93 11.27 -16.57 -26.75
N LEU B 94 11.52 -16.05 -27.95
CA LEU B 94 10.90 -16.63 -29.14
C LEU B 94 11.55 -17.94 -29.54
N GLU B 95 12.88 -18.05 -29.42
CA GLU B 95 13.52 -19.33 -29.71
C GLU B 95 13.36 -20.33 -28.59
N SER B 96 12.89 -19.90 -27.41
CA SER B 96 12.46 -20.85 -26.38
C SER B 96 11.12 -21.47 -26.75
N ALA B 97 10.18 -20.65 -27.21
CA ALA B 97 8.91 -21.19 -27.72
C ALA B 97 9.13 -22.00 -28.99
N LEU B 98 10.20 -21.69 -29.72
CA LEU B 98 10.53 -22.48 -30.91
C LEU B 98 10.94 -23.90 -30.52
N MET B 99 11.71 -24.05 -29.44
CA MET B 99 12.06 -25.38 -28.97
C MET B 99 10.85 -26.11 -28.42
N ILE B 100 9.96 -25.39 -27.73
CA ILE B 100 8.76 -26.01 -27.18
C ILE B 100 7.82 -26.44 -28.30
N TRP B 101 7.73 -25.62 -29.36
CA TRP B 101 6.84 -25.95 -30.47
C TRP B 101 7.24 -27.28 -31.12
N GLY B 102 8.54 -27.55 -31.21
CA GLY B 102 9.01 -28.83 -31.70
C GLY B 102 8.96 -29.95 -30.68
N SER B 103 8.82 -29.61 -29.39
CA SER B 103 8.74 -30.60 -28.32
C SER B 103 7.32 -31.09 -28.07
N ILE B 104 6.32 -30.29 -28.42
CA ILE B 104 4.93 -30.72 -28.24
C ILE B 104 4.65 -31.89 -29.17
N GLU B 105 4.15 -32.98 -28.61
CA GLU B 105 3.78 -34.15 -29.42
C GLU B 105 2.44 -33.85 -30.07
N LYS B 106 2.49 -33.34 -31.29
CA LYS B 106 1.30 -32.85 -31.98
C LYS B 106 1.45 -33.15 -33.48
N GLU B 107 0.43 -32.73 -34.24
CA GLU B 107 0.47 -32.90 -35.68
C GLU B 107 1.39 -31.86 -36.32
N HIS B 108 2.35 -32.32 -37.11
CA HIS B 108 3.23 -31.43 -37.86
C HIS B 108 2.60 -31.08 -39.21
N ASP B 109 1.41 -30.49 -39.14
CA ASP B 109 0.61 -30.21 -40.33
C ASP B 109 1.04 -28.89 -40.97
N LYS B 110 0.18 -28.35 -41.84
CA LYS B 110 0.51 -27.10 -42.53
C LYS B 110 0.61 -25.94 -41.56
N LEU B 111 -0.39 -25.80 -40.66
CA LEU B 111 -0.36 -24.72 -39.69
C LEU B 111 0.85 -24.81 -38.77
N HIS B 112 1.33 -26.03 -38.50
CA HIS B 112 2.51 -26.19 -37.65
C HIS B 112 3.75 -25.58 -38.30
N GLU B 113 3.89 -25.75 -39.62
CA GLU B 113 5.05 -25.21 -40.31
C GLU B 113 4.98 -23.69 -40.39
N GLU B 114 3.79 -23.14 -40.60
CA GLU B 114 3.66 -21.69 -40.72
C GLU B 114 3.98 -21.01 -39.40
N ILE B 115 3.52 -21.57 -38.28
CA ILE B 115 3.87 -21.02 -36.97
C ILE B 115 5.36 -21.14 -36.73
N GLN B 116 5.93 -22.30 -37.09
CA GLN B 116 7.36 -22.53 -36.86
C GLN B 116 8.21 -21.54 -37.63
N ASN B 117 7.90 -21.34 -38.92
CA ASN B 117 8.70 -20.44 -39.74
C ASN B 117 8.49 -18.98 -39.32
N LEU B 118 7.27 -18.61 -38.92
CA LEU B 118 7.03 -17.25 -38.45
C LEU B 118 7.74 -16.98 -37.13
N ILE B 119 7.85 -17.97 -36.26
CA ILE B 119 8.60 -17.79 -35.02
C ILE B 119 10.07 -17.57 -35.32
N LYS B 120 10.63 -18.33 -36.26
CA LYS B 120 12.04 -18.17 -36.62
C LYS B 120 12.31 -16.78 -37.17
N ILE B 121 11.40 -16.25 -37.97
CA ILE B 121 11.58 -14.91 -38.53
C ILE B 121 11.46 -13.85 -37.45
N GLN B 122 10.38 -13.92 -36.65
CA GLN B 122 10.17 -12.93 -35.61
C GLN B 122 11.19 -13.04 -34.47
N ALA B 123 11.80 -14.22 -34.28
CA ALA B 123 12.86 -14.33 -33.30
C ALA B 123 14.04 -13.44 -33.67
N ILE B 124 14.26 -13.21 -34.96
CA ILE B 124 15.27 -12.27 -35.42
C ILE B 124 14.69 -10.87 -35.56
N ALA B 125 13.44 -10.75 -35.98
CA ALA B 125 12.83 -9.43 -36.17
C ALA B 125 12.66 -8.70 -34.84
N VAL B 126 12.32 -9.43 -33.78
CA VAL B 126 12.21 -8.80 -32.46
C VAL B 126 13.56 -8.24 -32.03
N CYS B 127 14.64 -8.97 -32.31
CA CYS B 127 15.97 -8.48 -31.98
C CYS B 127 16.36 -7.23 -32.77
N MET B 128 15.72 -7.00 -33.92
CA MET B 128 16.04 -5.84 -34.74
C MET B 128 15.03 -4.71 -34.64
N GLU B 129 13.89 -4.92 -33.97
CA GLU B 129 13.05 -3.77 -33.64
C GLU B 129 13.74 -2.89 -32.61
N ASN B 130 14.65 -3.45 -31.84
CA ASN B 130 15.58 -2.69 -31.01
C ASN B 130 16.88 -2.53 -31.79
N GLY B 131 17.92 -2.03 -31.13
CA GLY B 131 19.21 -1.89 -31.76
C GLY B 131 20.12 -3.07 -31.48
N ASN B 132 19.53 -4.22 -31.16
CA ASN B 132 20.30 -5.41 -30.82
C ASN B 132 20.61 -6.21 -32.08
N PHE B 133 21.48 -5.62 -32.91
CA PHE B 133 21.88 -6.27 -34.15
C PHE B 133 22.83 -7.43 -33.90
N LYS B 134 23.68 -7.32 -32.86
CA LYS B 134 24.55 -8.44 -32.51
C LYS B 134 23.75 -9.64 -32.02
N GLU B 135 22.73 -9.39 -31.20
CA GLU B 135 21.89 -10.49 -30.72
C GLU B 135 21.14 -11.14 -31.87
N ALA B 136 20.75 -10.36 -32.88
CA ALA B 136 20.03 -10.93 -34.02
C ALA B 136 20.92 -11.89 -34.81
N GLU B 137 22.18 -11.53 -35.01
CA GLU B 137 23.10 -12.43 -35.72
C GLU B 137 23.33 -13.71 -34.92
N GLU B 138 23.41 -13.60 -33.60
CA GLU B 138 23.61 -14.79 -32.76
C GLU B 138 22.35 -15.64 -32.66
N VAL B 139 21.17 -15.05 -32.88
CA VAL B 139 19.95 -15.83 -32.94
C VAL B 139 19.85 -16.54 -34.29
N PHE B 140 20.28 -15.88 -35.36
CA PHE B 140 20.27 -16.50 -36.68
C PHE B 140 21.16 -17.73 -36.72
N GLU B 141 22.37 -17.63 -36.15
CA GLU B 141 23.30 -18.74 -36.16
C GLU B 141 22.79 -19.91 -35.32
N ARG B 142 22.04 -19.62 -34.25
CA ARG B 142 21.55 -20.68 -33.39
C ARG B 142 20.39 -21.43 -34.03
N ILE B 143 19.56 -20.73 -34.78
CA ILE B 143 18.41 -21.35 -35.45
C ILE B 143 18.81 -21.95 -36.79
N PHE B 144 19.55 -21.16 -37.59
CA PHE B 144 20.00 -21.62 -38.93
C PHE B 144 21.22 -22.04 -39.76
N GLY B 145 22.41 -22.03 -39.14
CA GLY B 145 23.65 -22.42 -39.82
C GLY B 145 23.12 -23.83 -40.04
N ASP B 146 24.01 -24.75 -40.42
CA ASP B 146 23.61 -26.17 -40.66
C ASP B 146 23.06 -27.40 -39.95
N PRO B 147 22.54 -28.42 -40.67
CA PRO B 147 21.66 -28.22 -41.83
C PRO B 147 20.15 -28.21 -41.56
N ASN B 148 19.72 -28.19 -40.30
CA ASN B 148 18.27 -28.18 -39.97
C ASN B 148 17.69 -26.78 -40.25
N SER B 149 17.62 -26.40 -41.52
CA SER B 149 17.08 -25.06 -41.92
C SER B 149 16.77 -25.08 -43.42
N HIS B 150 15.58 -25.58 -43.79
CA HIS B 150 15.16 -25.65 -45.22
C HIS B 150 14.33 -24.42 -45.59
N MET B 151 14.52 -23.31 -44.87
CA MET B 151 13.77 -22.09 -45.16
C MET B 151 14.48 -21.33 -46.28
N PRO B 152 13.80 -21.02 -47.38
CA PRO B 152 14.45 -20.26 -48.45
C PRO B 152 14.88 -18.87 -48.02
N PHE B 153 14.17 -18.26 -47.08
CA PHE B 153 14.48 -16.92 -46.58
C PHE B 153 15.74 -16.89 -45.71
N LYS B 154 16.48 -18.00 -45.64
CA LYS B 154 17.76 -18.01 -44.93
C LYS B 154 18.72 -16.98 -45.51
N SER B 155 18.68 -16.79 -46.83
CA SER B 155 19.56 -15.82 -47.47
C SER B 155 19.07 -14.39 -47.22
N LYS B 156 17.75 -14.17 -47.34
CA LYS B 156 17.22 -12.82 -47.15
C LYS B 156 17.35 -12.37 -45.70
N LEU B 157 17.13 -13.27 -44.74
CA LEU B 157 17.27 -12.92 -43.34
C LEU B 157 18.71 -12.54 -43.01
N LEU B 158 19.67 -13.35 -43.47
CA LEU B 158 21.08 -13.06 -43.22
C LEU B 158 21.50 -11.73 -43.84
N MET B 159 20.81 -11.31 -44.89
CA MET B 159 21.12 -10.02 -45.51
C MET B 159 20.44 -8.87 -44.78
N ILE B 160 19.20 -9.08 -44.32
CA ILE B 160 18.46 -8.02 -43.63
C ILE B 160 19.17 -7.60 -42.35
N ILE B 161 19.90 -8.51 -41.71
CA ILE B 161 20.59 -8.18 -40.46
C ILE B 161 21.61 -7.07 -40.69
N SER B 162 22.43 -7.21 -41.73
CA SER B 162 23.45 -6.22 -42.05
C SER B 162 22.89 -5.02 -42.81
N GLN B 163 21.57 -4.86 -42.87
CA GLN B 163 20.99 -3.67 -43.49
C GLN B 163 20.71 -2.56 -42.48
N LYS B 164 20.61 -2.90 -41.20
CA LYS B 164 20.21 -1.98 -40.13
C LYS B 164 18.86 -1.32 -40.39
N ASP B 165 18.09 -1.85 -41.35
CA ASP B 165 16.77 -1.30 -41.66
C ASP B 165 15.76 -1.95 -40.72
N THR B 166 15.39 -1.23 -39.66
CA THR B 166 14.45 -1.77 -38.69
C THR B 166 13.06 -1.94 -39.29
N PHE B 167 12.59 -0.92 -40.02
CA PHE B 167 11.28 -0.95 -40.63
C PHE B 167 11.31 -1.69 -41.97
N HIS B 168 11.94 -2.87 -42.00
CA HIS B 168 12.03 -3.63 -43.22
C HIS B 168 10.66 -4.20 -43.59
N SER B 169 10.24 -3.98 -44.84
CA SER B 169 8.93 -4.44 -45.28
C SER B 169 8.83 -5.97 -45.31
N PHE B 170 9.95 -6.68 -45.30
CA PHE B 170 9.89 -8.13 -45.18
C PHE B 170 9.30 -8.55 -43.85
N PHE B 171 9.60 -7.81 -42.78
CA PHE B 171 9.02 -8.10 -41.48
C PHE B 171 7.60 -7.60 -41.35
N GLN B 172 7.15 -6.70 -42.22
CA GLN B 172 5.76 -6.27 -42.20
C GLN B 172 4.83 -7.28 -42.88
N HIS B 173 5.38 -8.18 -43.69
CA HIS B 173 4.60 -9.25 -44.31
C HIS B 173 4.55 -10.47 -43.41
N PHE B 174 5.70 -10.94 -42.95
CA PHE B 174 5.77 -12.01 -41.95
C PHE B 174 5.90 -11.36 -40.56
N SER B 175 4.82 -10.73 -40.15
CA SER B 175 4.83 -9.84 -39.00
C SER B 175 4.50 -10.58 -37.70
N TYR B 176 4.62 -9.86 -36.59
CA TYR B 176 4.22 -10.39 -35.30
C TYR B 176 2.70 -10.59 -35.25
N ASN B 177 1.95 -9.74 -35.95
CA ASN B 177 0.49 -9.91 -35.99
C ASN B 177 0.10 -11.19 -36.69
N HIS B 178 0.77 -11.52 -37.80
CA HIS B 178 0.48 -12.77 -38.50
C HIS B 178 0.89 -13.97 -37.67
N MET B 179 1.96 -13.86 -36.89
CA MET B 179 2.35 -14.96 -36.01
C MET B 179 1.33 -15.15 -34.89
N MET B 180 0.81 -14.04 -34.34
CA MET B 180 -0.18 -14.14 -33.28
C MET B 180 -1.47 -14.78 -33.79
N GLU B 181 -1.91 -14.39 -34.98
CA GLU B 181 -3.17 -14.94 -35.51
C GLU B 181 -3.04 -16.42 -35.82
N LYS B 182 -1.86 -16.87 -36.24
CA LYS B 182 -1.66 -18.30 -36.46
C LYS B 182 -1.64 -19.06 -35.13
N ILE B 183 -1.03 -18.46 -34.10
CA ILE B 183 -0.97 -19.12 -32.80
C ILE B 183 -2.34 -19.12 -32.13
N LYS B 184 -3.07 -17.99 -32.23
CA LYS B 184 -4.40 -17.94 -31.66
C LYS B 184 -5.36 -18.90 -32.36
N SER B 185 -5.08 -19.22 -33.63
CA SER B 185 -5.85 -20.26 -34.31
C SER B 185 -5.60 -21.62 -33.68
N TYR B 186 -4.34 -21.93 -33.36
CA TYR B 186 -4.03 -23.16 -32.65
C TYR B 186 -4.53 -23.11 -31.22
N VAL B 187 -4.50 -21.93 -30.60
CA VAL B 187 -5.05 -21.79 -29.25
C VAL B 187 -6.54 -22.12 -29.24
N ASN B 188 -7.27 -21.66 -30.27
CA ASN B 188 -8.68 -22.00 -30.39
C ASN B 188 -8.87 -23.51 -30.56
N TYR B 189 -7.94 -24.16 -31.24
CA TYR B 189 -8.01 -25.61 -31.37
C TYR B 189 -7.79 -26.29 -30.03
N VAL B 190 -6.82 -25.80 -29.23
CA VAL B 190 -6.63 -26.33 -27.89
C VAL B 190 -7.77 -25.92 -26.98
N LEU B 191 -8.33 -24.71 -27.18
CA LEU B 191 -9.38 -24.23 -26.31
C LEU B 191 -10.64 -25.07 -26.40
N SER B 192 -10.85 -25.74 -27.54
CA SER B 192 -12.01 -26.61 -27.70
C SER B 192 -11.69 -28.07 -27.42
N GLU B 193 -10.41 -28.44 -27.37
CA GLU B 193 -10.04 -29.82 -27.07
C GLU B 193 -10.35 -30.17 -25.61
N LYS B 194 -9.98 -29.28 -24.69
CA LYS B 194 -10.16 -29.52 -23.26
C LYS B 194 -11.18 -28.57 -22.64
N SER B 195 -12.11 -28.07 -23.45
CA SER B 195 -13.24 -27.32 -22.90
C SER B 195 -14.27 -28.24 -22.25
N SER B 196 -14.15 -29.55 -22.43
CA SER B 196 -15.03 -30.53 -21.80
C SER B 196 -14.34 -31.30 -20.68
N THR B 197 -13.26 -30.75 -20.12
CA THR B 197 -12.58 -31.40 -19.02
C THR B 197 -13.44 -31.31 -17.75
N PHE B 198 -13.01 -32.06 -16.73
CA PHE B 198 -13.84 -32.25 -15.53
C PHE B 198 -14.12 -30.92 -14.83
N LEU B 199 -13.07 -30.19 -14.45
CA LEU B 199 -13.24 -29.03 -13.60
C LEU B 199 -14.03 -27.92 -14.31
N MET B 200 -13.80 -27.75 -15.61
CA MET B 200 -14.50 -26.70 -16.33
C MET B 200 -15.93 -27.11 -16.66
N LYS B 201 -16.15 -28.38 -17.02
CA LYS B 201 -17.52 -28.84 -17.30
C LYS B 201 -18.36 -28.87 -16.04
N ALA B 202 -17.74 -29.10 -14.89
CA ALA B 202 -18.49 -29.06 -13.62
C ALA B 202 -18.88 -27.63 -13.27
N ALA B 203 -17.92 -26.70 -13.36
CA ALA B 203 -18.22 -25.31 -13.05
C ALA B 203 -19.18 -24.69 -14.07
N ALA B 204 -19.14 -25.16 -15.33
CA ALA B 204 -20.05 -24.64 -16.33
C ALA B 204 -21.49 -25.04 -16.01
N LYS B 205 -21.70 -26.28 -15.57
CA LYS B 205 -23.05 -26.73 -15.23
C LYS B 205 -23.60 -26.00 -14.02
N VAL B 206 -22.72 -25.55 -13.10
CA VAL B 206 -23.19 -24.80 -11.95
C VAL B 206 -23.69 -23.42 -12.38
N VAL B 207 -23.01 -22.81 -13.36
CA VAL B 207 -23.41 -21.48 -13.83
C VAL B 207 -24.50 -21.57 -14.89
N GLU B 208 -24.53 -22.65 -15.67
CA GLU B 208 -25.49 -22.75 -16.76
C GLU B 208 -26.92 -22.75 -16.26
N SER B 209 -27.19 -23.46 -15.17
CA SER B 209 -28.52 -23.47 -14.57
C SER B 209 -28.75 -22.31 -13.61
N LYS B 210 -27.76 -21.44 -13.42
CA LYS B 210 -27.88 -20.33 -12.48
C LYS B 210 -28.24 -19.04 -13.18
N GLU C 5 -3.18 39.97 -15.46
CA GLU C 5 -2.65 40.74 -14.34
C GLU C 5 -1.84 39.85 -13.41
N ASP C 6 -0.94 40.47 -12.64
CA ASP C 6 -0.08 39.74 -11.71
C ASP C 6 -0.88 38.98 -10.67
N ALA C 7 -1.57 39.70 -9.78
CA ALA C 7 -2.29 39.05 -8.69
C ALA C 7 -3.41 38.14 -9.20
N GLY C 8 -3.90 38.39 -10.40
CA GLY C 8 -4.97 37.59 -10.96
C GLY C 8 -4.55 36.17 -11.29
N LEU C 9 -3.56 36.02 -12.17
CA LEU C 9 -3.12 34.69 -12.60
C LEU C 9 -2.14 34.04 -11.63
N VAL C 10 -1.59 34.80 -10.68
CA VAL C 10 -0.77 34.19 -9.63
C VAL C 10 -1.64 33.38 -8.69
N ALA C 11 -2.76 33.96 -8.25
CA ALA C 11 -3.71 33.21 -7.45
C ALA C 11 -4.33 32.08 -8.25
N GLU C 12 -4.43 32.25 -9.56
CA GLU C 12 -4.91 31.16 -10.42
C GLU C 12 -3.90 30.02 -10.45
N ALA C 13 -2.61 30.34 -10.58
CA ALA C 13 -1.59 29.30 -10.60
C ALA C 13 -1.45 28.63 -9.24
N GLU C 14 -1.67 29.38 -8.16
CA GLU C 14 -1.66 28.76 -6.83
C GLU C 14 -2.85 27.84 -6.62
N ALA C 15 -3.93 28.01 -7.39
CA ALA C 15 -5.05 27.09 -7.29
C ALA C 15 -4.80 25.83 -8.11
N VAL C 16 -4.14 25.96 -9.26
CA VAL C 16 -3.82 24.79 -10.09
C VAL C 16 -2.83 23.89 -9.35
N ALA C 17 -1.81 24.49 -8.73
CA ALA C 17 -0.84 23.69 -7.99
C ALA C 17 -1.45 23.08 -6.73
N ALA C 18 -2.36 23.79 -6.07
CA ALA C 18 -3.00 23.25 -4.88
C ALA C 18 -3.87 22.04 -5.23
N GLY C 19 -4.54 22.07 -6.37
CA GLY C 19 -5.30 20.92 -6.82
C GLY C 19 -4.40 19.74 -7.18
N TRP C 20 -3.20 20.02 -7.68
CA TRP C 20 -2.25 18.95 -7.95
C TRP C 20 -1.81 18.25 -6.67
N MET C 21 -1.62 19.01 -5.59
CA MET C 21 -1.21 18.41 -4.34
C MET C 21 -2.34 17.58 -3.74
N LEU C 22 -3.59 18.04 -3.92
CA LEU C 22 -4.73 17.30 -3.39
C LEU C 22 -4.85 15.93 -4.04
N ASP C 23 -4.62 15.86 -5.36
CA ASP C 23 -4.67 14.57 -6.04
C ASP C 23 -3.50 13.68 -5.62
N PHE C 24 -2.33 14.26 -5.39
CA PHE C 24 -1.18 13.46 -5.00
C PHE C 24 -1.31 12.96 -3.58
N LEU C 25 -1.69 13.83 -2.65
CA LEU C 25 -1.82 13.42 -1.25
C LEU C 25 -2.95 12.40 -1.08
N CYS C 26 -4.04 12.57 -1.83
CA CYS C 26 -5.09 11.56 -1.83
C CYS C 26 -4.56 10.23 -2.35
N LEU C 27 -3.81 10.27 -3.46
CA LEU C 27 -3.18 9.07 -3.98
C LEU C 27 -2.19 8.49 -2.97
N SER C 28 -1.45 9.36 -2.27
CA SER C 28 -0.50 8.88 -1.28
C SER C 28 -1.20 8.34 -0.04
N LEU C 29 -2.30 8.98 0.36
CA LEU C 29 -3.04 8.51 1.52
C LEU C 29 -3.69 7.16 1.28
N CYS C 30 -4.05 6.87 0.02
CA CYS C 30 -4.65 5.58 -0.30
C CYS C 30 -3.63 4.46 -0.25
N ARG C 31 -2.38 4.74 -0.67
CA ARG C 31 -1.34 3.73 -0.60
C ARG C 31 -0.98 3.39 0.84
N ALA C 32 -0.93 4.41 1.71
CA ALA C 32 -0.68 4.14 3.12
C ALA C 32 -1.84 3.38 3.75
N PHE C 33 -3.06 3.62 3.28
CA PHE C 33 -4.22 2.87 3.78
C PHE C 33 -4.18 1.43 3.31
N ARG C 34 -3.86 1.21 2.03
CA ARG C 34 -3.80 -0.15 1.50
C ARG C 34 -2.66 -0.94 2.14
N ASP C 35 -1.48 -0.33 2.22
CA ASP C 35 -0.31 -1.02 2.76
C ASP C 35 -0.34 -1.14 4.28
N GLY C 36 -1.15 -0.34 4.96
CA GLY C 36 -1.19 -0.37 6.40
C GLY C 36 -0.08 0.39 7.09
N ARG C 37 0.68 1.20 6.36
CA ARG C 37 1.75 2.01 6.95
C ARG C 37 1.08 3.08 7.83
N SER C 38 1.15 2.89 9.14
CA SER C 38 0.35 3.69 10.05
C SER C 38 0.85 5.12 10.16
N GLU C 39 2.15 5.29 10.45
CA GLU C 39 2.69 6.63 10.63
C GLU C 39 2.78 7.39 9.31
N ASP C 40 3.01 6.68 8.21
CA ASP C 40 2.95 7.33 6.90
C ASP C 40 1.53 7.79 6.59
N PHE C 41 0.52 7.07 7.09
CA PHE C 41 -0.86 7.50 6.91
C PHE C 41 -1.16 8.74 7.76
N ARG C 42 -0.58 8.81 8.96
CA ARG C 42 -0.84 9.94 9.85
C ARG C 42 -0.18 11.22 9.34
N ARG C 43 0.98 11.10 8.69
CA ARG C 43 1.65 12.29 8.17
C ARG C 43 1.00 12.77 6.87
N THR C 44 0.61 11.85 6.00
CA THR C 44 -0.10 12.23 4.78
C THR C 44 -1.47 12.81 5.10
N ARG C 45 -2.13 12.31 6.14
CA ARG C 45 -3.42 12.86 6.54
C ARG C 45 -3.27 14.30 7.02
N ASN C 46 -2.23 14.57 7.82
CA ASN C 46 -1.99 15.94 8.26
C ASN C 46 -1.63 16.85 7.11
N SER C 47 -0.92 16.33 6.10
CA SER C 47 -0.58 17.15 4.93
C SER C 47 -1.81 17.38 4.06
N ALA C 48 -2.63 16.35 3.88
CA ALA C 48 -3.83 16.50 3.04
C ALA C 48 -4.83 17.45 3.68
N GLU C 49 -4.98 17.39 5.00
CA GLU C 49 -5.95 18.25 5.67
C GLU C 49 -5.55 19.72 5.55
N ALA C 50 -4.26 20.02 5.59
CA ALA C 50 -3.82 21.41 5.48
C ALA C 50 -3.98 21.93 4.06
N ILE C 51 -3.68 21.10 3.06
CA ILE C 51 -3.88 21.50 1.67
C ILE C 51 -5.37 21.68 1.39
N ILE C 52 -6.21 20.83 1.95
CA ILE C 52 -7.66 20.99 1.81
C ILE C 52 -8.11 22.32 2.44
N HIS C 53 -7.64 22.59 3.65
CA HIS C 53 -8.01 23.83 4.33
C HIS C 53 -7.52 25.06 3.59
N GLY C 54 -6.42 24.93 2.84
CA GLY C 54 -5.88 26.06 2.09
C GLY C 54 -6.66 26.40 0.84
N LEU C 55 -7.60 25.56 0.44
CA LEU C 55 -8.38 25.80 -0.77
C LEU C 55 -9.54 26.74 -0.48
N SER C 56 -9.88 27.57 -1.46
CA SER C 56 -11.01 28.48 -1.38
C SER C 56 -12.17 28.07 -2.28
N SER C 57 -11.89 27.63 -3.50
CA SER C 57 -12.90 27.16 -4.43
C SER C 57 -12.73 25.67 -4.64
N LEU C 58 -13.81 24.91 -4.42
CA LEU C 58 -13.80 23.46 -4.57
C LEU C 58 -14.70 23.09 -5.74
N THR C 59 -14.12 22.41 -6.74
CA THR C 59 -14.92 21.87 -7.83
C THR C 59 -15.62 20.59 -7.36
N ALA C 60 -16.54 20.10 -8.19
CA ALA C 60 -17.21 18.85 -7.89
C ALA C 60 -16.21 17.69 -7.87
N CYS C 61 -15.17 17.76 -8.71
CA CYS C 61 -14.14 16.72 -8.69
C CYS C 61 -13.31 16.79 -7.43
N GLN C 62 -12.91 18.00 -7.02
CA GLN C 62 -12.14 18.13 -5.79
C GLN C 62 -12.95 17.76 -4.56
N LEU C 63 -14.27 17.98 -4.60
CA LEU C 63 -15.12 17.57 -3.48
C LEU C 63 -15.14 16.06 -3.33
N ARG C 64 -15.21 15.35 -4.45
CA ARG C 64 -15.16 13.89 -4.41
C ARG C 64 -13.84 13.40 -3.82
N THR C 65 -12.75 14.10 -4.10
CA THR C 65 -11.45 13.70 -3.56
C THR C 65 -11.40 13.90 -2.04
N ILE C 66 -11.97 15.00 -1.54
CA ILE C 66 -11.94 15.27 -0.11
C ILE C 66 -12.76 14.25 0.66
N TYR C 67 -13.93 13.87 0.11
CA TYR C 67 -14.76 12.87 0.76
C TYR C 67 -14.07 11.51 0.80
N ILE C 68 -13.33 11.16 -0.25
CA ILE C 68 -12.59 9.91 -0.25
C ILE C 68 -11.51 9.92 0.82
N CYS C 69 -10.82 11.05 0.96
CA CYS C 69 -9.84 11.18 2.04
C CYS C 69 -10.51 11.12 3.41
N GLN C 70 -11.67 11.75 3.56
CA GLN C 70 -12.39 11.70 4.83
C GLN C 70 -12.86 10.29 5.14
N PHE C 71 -13.30 9.56 4.12
CA PHE C 71 -13.78 8.20 4.34
C PHE C 71 -12.67 7.30 4.88
N LEU C 72 -11.44 7.48 4.39
CA LEU C 72 -10.35 6.63 4.84
C LEU C 72 -9.93 6.98 6.26
N THR C 73 -9.96 8.26 6.63
CA THR C 73 -9.57 8.65 7.98
C THR C 73 -10.54 8.09 9.02
N ARG C 74 -11.84 8.03 8.68
CA ARG C 74 -12.81 7.46 9.61
C ARG C 74 -12.66 5.94 9.69
N ILE C 75 -12.45 5.29 8.55
CA ILE C 75 -12.31 3.83 8.55
C ILE C 75 -11.04 3.41 9.28
N ALA C 76 -9.95 4.17 9.11
CA ALA C 76 -8.70 3.84 9.79
C ALA C 76 -8.85 3.93 11.30
N ALA C 77 -9.71 4.82 11.80
CA ALA C 77 -9.99 4.96 13.21
C ALA C 77 -11.34 4.36 13.59
N GLY C 78 -11.79 3.34 12.85
CA GLY C 78 -13.09 2.75 13.13
C GLY C 78 -13.16 2.06 14.47
N LYS C 79 -12.06 1.45 14.91
CA LYS C 79 -12.00 0.80 16.21
C LYS C 79 -11.48 1.73 17.31
N THR C 80 -11.48 3.03 17.06
CA THR C 80 -11.05 4.03 18.04
C THR C 80 -12.27 4.86 18.43
N LEU C 81 -13.02 4.35 19.42
CA LEU C 81 -14.31 4.95 19.77
C LEU C 81 -14.18 6.32 20.42
N ASP C 82 -13.02 6.65 21.00
CA ASP C 82 -12.85 7.97 21.59
C ASP C 82 -12.48 9.04 20.59
N ALA C 83 -12.47 8.71 19.29
CA ALA C 83 -12.16 9.69 18.25
C ALA C 83 -13.45 10.36 17.81
N GLN C 84 -13.51 11.68 17.95
CA GLN C 84 -14.69 12.48 17.61
C GLN C 84 -14.40 13.24 16.33
N PHE C 85 -15.11 12.89 15.25
CA PHE C 85 -14.92 13.53 13.96
C PHE C 85 -15.90 14.66 13.69
N GLU C 86 -17.13 14.55 14.21
CA GLU C 86 -18.17 15.56 14.01
C GLU C 86 -18.42 16.33 15.29
N ASN C 87 -19.11 17.48 15.15
CA ASN C 87 -19.48 18.26 16.32
C ASN C 87 -20.45 17.50 17.20
N ASP C 88 -21.35 16.72 16.59
CA ASP C 88 -22.22 15.83 17.34
C ASP C 88 -21.37 14.75 18.01
N GLU C 89 -21.21 14.85 19.33
CA GLU C 89 -20.33 13.96 20.07
C GLU C 89 -20.80 12.51 20.04
N ARG C 90 -22.03 12.24 19.62
CA ARG C 90 -22.54 10.88 19.61
C ARG C 90 -22.17 10.09 18.37
N ILE C 91 -21.64 10.74 17.33
CA ILE C 91 -21.34 10.08 16.06
C ILE C 91 -20.02 9.33 16.20
N THR C 92 -20.07 8.00 16.13
CA THR C 92 -18.86 7.21 16.17
C THR C 92 -18.13 7.29 14.83
N PRO C 93 -16.83 6.96 14.80
CA PRO C 93 -16.08 7.06 13.53
C PRO C 93 -16.71 6.28 12.38
N LEU C 94 -17.25 5.09 12.64
CA LEU C 94 -17.87 4.33 11.56
C LEU C 94 -19.20 4.94 11.13
N GLU C 95 -19.91 5.60 12.06
CA GLU C 95 -21.10 6.34 11.65
C GLU C 95 -20.74 7.51 10.76
N SER C 96 -19.64 8.20 11.06
CA SER C 96 -19.19 9.29 10.20
C SER C 96 -18.73 8.76 8.85
N ALA C 97 -18.05 7.61 8.83
CA ALA C 97 -17.67 7.00 7.56
C ALA C 97 -18.90 6.59 6.75
N LEU C 98 -19.99 6.21 7.43
CA LEU C 98 -21.20 5.83 6.72
C LEU C 98 -21.83 7.03 6.02
N MET C 99 -21.85 8.19 6.69
CA MET C 99 -22.42 9.38 6.07
C MET C 99 -21.53 9.88 4.93
N ILE C 100 -20.21 9.78 5.10
CA ILE C 100 -19.31 10.17 4.02
C ILE C 100 -19.42 9.19 2.85
N TRP C 101 -19.60 7.90 3.15
CA TRP C 101 -19.74 6.90 2.09
C TRP C 101 -20.94 7.19 1.20
N GLY C 102 -22.03 7.70 1.81
CA GLY C 102 -23.17 8.12 1.03
C GLY C 102 -23.05 9.49 0.39
N SER C 103 -21.98 10.23 0.70
CA SER C 103 -21.75 11.55 0.14
C SER C 103 -20.80 11.55 -1.04
N ILE C 104 -20.04 10.47 -1.24
CA ILE C 104 -19.10 10.41 -2.35
C ILE C 104 -19.87 10.27 -3.66
N GLU C 105 -19.45 11.03 -4.67
CA GLU C 105 -20.04 10.96 -6.00
C GLU C 105 -19.44 9.77 -6.72
N LYS C 106 -20.15 8.64 -6.69
CA LYS C 106 -19.67 7.40 -7.31
C LYS C 106 -20.87 6.49 -7.56
N GLU C 107 -20.58 5.32 -8.11
CA GLU C 107 -21.63 4.34 -8.37
C GLU C 107 -22.19 3.78 -7.07
N HIS C 108 -23.48 3.51 -7.06
CA HIS C 108 -24.14 2.79 -5.97
C HIS C 108 -24.40 1.34 -6.37
N ASP C 109 -23.31 0.66 -6.75
CA ASP C 109 -23.38 -0.68 -7.28
C ASP C 109 -23.52 -1.69 -6.14
N LYS C 110 -23.40 -2.98 -6.47
CA LYS C 110 -23.46 -4.02 -5.45
C LYS C 110 -22.31 -3.91 -4.46
N LEU C 111 -21.12 -3.56 -4.96
CA LEU C 111 -19.98 -3.35 -4.07
C LEU C 111 -20.24 -2.19 -3.11
N HIS C 112 -20.95 -1.17 -3.57
CA HIS C 112 -21.31 -0.06 -2.68
C HIS C 112 -22.31 -0.50 -1.62
N GLU C 113 -23.28 -1.36 -2.01
CA GLU C 113 -24.24 -1.87 -1.05
C GLU C 113 -23.57 -2.72 0.02
N GLU C 114 -22.59 -3.54 -0.39
CA GLU C 114 -21.91 -4.41 0.58
C GLU C 114 -21.08 -3.59 1.56
N ILE C 115 -20.31 -2.63 1.06
CA ILE C 115 -19.50 -1.80 1.93
C ILE C 115 -20.38 -1.02 2.91
N GLN C 116 -21.47 -0.45 2.40
CA GLN C 116 -22.36 0.33 3.25
C GLN C 116 -22.98 -0.54 4.34
N ASN C 117 -23.46 -1.73 3.97
CA ASN C 117 -24.09 -2.61 4.96
C ASN C 117 -23.07 -3.12 5.96
N LEU C 118 -21.84 -3.37 5.53
CA LEU C 118 -20.81 -3.83 6.46
C LEU C 118 -20.44 -2.75 7.46
N ILE C 119 -20.45 -1.48 7.02
CA ILE C 119 -20.16 -0.38 7.95
C ILE C 119 -21.27 -0.27 8.99
N LYS C 120 -22.52 -0.44 8.57
CA LYS C 120 -23.64 -0.41 9.52
C LYS C 120 -23.50 -1.51 10.55
N ILE C 121 -23.14 -2.73 10.11
CA ILE C 121 -23.01 -3.84 11.03
C ILE C 121 -21.81 -3.64 11.95
N GLN C 122 -20.70 -3.16 11.39
CA GLN C 122 -19.49 -2.97 12.20
C GLN C 122 -19.56 -1.74 13.10
N ALA C 123 -20.37 -0.73 12.74
CA ALA C 123 -20.56 0.39 13.64
C ALA C 123 -21.20 -0.06 14.95
N ILE C 124 -22.04 -1.10 14.90
CA ILE C 124 -22.61 -1.65 16.11
C ILE C 124 -21.65 -2.63 16.77
N ALA C 125 -21.01 -3.49 15.97
CA ALA C 125 -20.16 -4.53 16.51
C ALA C 125 -18.91 -3.96 17.19
N VAL C 126 -18.41 -2.82 16.71
CA VAL C 126 -17.23 -2.22 17.34
C VAL C 126 -17.54 -1.79 18.76
N CYS C 127 -18.74 -1.25 18.99
CA CYS C 127 -19.13 -0.83 20.33
C CYS C 127 -19.25 -2.01 21.28
N MET C 128 -19.58 -3.20 20.76
CA MET C 128 -19.69 -4.37 21.61
C MET C 128 -18.31 -4.88 22.02
N GLU C 129 -17.34 -4.79 21.12
CA GLU C 129 -15.99 -5.24 21.42
C GLU C 129 -15.34 -4.42 22.54
N ASN C 130 -15.76 -3.16 22.69
CA ASN C 130 -15.24 -2.31 23.76
C ASN C 130 -16.07 -2.39 25.04
N GLY C 131 -17.22 -3.06 25.01
CA GLY C 131 -17.97 -3.32 26.21
C GLY C 131 -18.99 -2.28 26.62
N ASN C 132 -19.27 -1.30 25.77
CA ASN C 132 -20.28 -0.28 26.04
C ASN C 132 -21.50 -0.59 25.17
N PHE C 133 -22.34 -1.50 25.65
CA PHE C 133 -23.50 -1.93 24.88
C PHE C 133 -24.57 -0.85 24.81
N LYS C 134 -24.57 0.10 25.76
CA LYS C 134 -25.54 1.20 25.70
C LYS C 134 -25.31 2.05 24.46
N GLU C 135 -24.04 2.34 24.14
CA GLU C 135 -23.75 3.08 22.92
C GLU C 135 -24.05 2.24 21.68
N ALA C 136 -23.88 0.93 21.78
CA ALA C 136 -24.20 0.07 20.64
C ALA C 136 -25.69 0.12 20.31
N GLU C 137 -26.54 0.26 21.32
CA GLU C 137 -27.96 0.41 21.07
C GLU C 137 -28.30 1.80 20.54
N GLU C 138 -27.53 2.82 20.91
CA GLU C 138 -27.75 4.15 20.38
C GLU C 138 -27.31 4.23 18.92
N VAL C 139 -26.21 3.54 18.58
CA VAL C 139 -25.78 3.45 17.19
C VAL C 139 -26.83 2.71 16.36
N PHE C 140 -27.46 1.70 16.96
CA PHE C 140 -28.45 0.90 16.23
C PHE C 140 -29.64 1.73 15.81
N GLU C 141 -30.15 2.59 16.70
CA GLU C 141 -31.33 3.37 16.38
C GLU C 141 -31.04 4.52 15.43
N ARG C 142 -29.85 5.12 15.52
CA ARG C 142 -29.49 6.18 14.59
C ARG C 142 -29.30 5.63 13.18
N ILE C 143 -28.77 4.41 13.05
CA ILE C 143 -28.53 3.84 11.74
C ILE C 143 -29.84 3.32 11.14
N PHE C 144 -30.64 2.64 11.96
CA PHE C 144 -31.89 2.05 11.49
C PHE C 144 -33.30 2.18 12.09
N GLY C 145 -33.55 3.22 12.89
CA GLY C 145 -34.85 3.38 13.50
C GLY C 145 -35.89 3.28 12.40
N ASP C 146 -37.16 3.09 12.79
CA ASP C 146 -38.27 2.93 11.86
C ASP C 146 -38.74 3.60 10.57
N PRO C 147 -38.57 4.92 10.39
CA PRO C 147 -39.02 5.52 9.12
C PRO C 147 -38.36 4.92 7.89
N ASN C 148 -37.06 4.68 7.92
CA ASN C 148 -36.35 4.05 6.82
C ASN C 148 -36.05 2.58 7.07
N SER C 149 -36.63 1.99 8.10
CA SER C 149 -36.33 0.60 8.46
C SER C 149 -36.64 -0.34 7.30
N HIS C 150 -35.62 -1.07 6.85
CA HIS C 150 -35.75 -1.97 5.72
C HIS C 150 -34.98 -3.28 5.87
N MET C 151 -34.01 -3.38 6.78
CA MET C 151 -33.23 -4.61 6.91
C MET C 151 -34.05 -5.67 7.65
N PRO C 152 -34.02 -6.92 7.18
CA PRO C 152 -34.72 -7.99 7.90
C PRO C 152 -33.97 -8.43 9.15
N PHE C 153 -32.64 -8.29 9.13
CA PHE C 153 -31.81 -8.61 10.28
C PHE C 153 -31.92 -7.60 11.41
N LYS C 154 -32.80 -6.60 11.26
CA LYS C 154 -33.00 -5.62 12.33
C LYS C 154 -33.49 -6.28 13.60
N SER C 155 -34.27 -7.36 13.48
CA SER C 155 -34.69 -8.11 14.66
C SER C 155 -33.52 -8.84 15.28
N LYS C 156 -32.71 -9.50 14.46
CA LYS C 156 -31.55 -10.23 14.97
C LYS C 156 -30.48 -9.29 15.51
N LEU C 157 -30.38 -8.08 14.95
CA LEU C 157 -29.37 -7.15 15.42
C LEU C 157 -29.70 -6.61 16.80
N LEU C 158 -30.97 -6.27 17.04
CA LEU C 158 -31.34 -5.65 18.31
C LEU C 158 -31.20 -6.62 19.48
N MET C 159 -31.60 -7.88 19.27
CA MET C 159 -31.53 -8.85 20.36
C MET C 159 -30.09 -9.17 20.73
N ILE C 160 -29.21 -9.32 19.74
CA ILE C 160 -27.80 -9.58 20.01
C ILE C 160 -27.19 -8.44 20.81
N ILE C 161 -27.61 -7.21 20.55
CA ILE C 161 -27.16 -6.08 21.36
C ILE C 161 -27.54 -6.28 22.81
N SER C 162 -28.74 -6.81 23.06
CA SER C 162 -29.18 -7.05 24.43
C SER C 162 -28.56 -8.30 25.03
N GLN C 163 -28.22 -9.29 24.19
CA GLN C 163 -27.54 -10.48 24.69
C GLN C 163 -26.13 -10.18 25.20
N LYS C 164 -25.56 -9.05 24.78
CA LYS C 164 -24.19 -8.66 25.15
C LYS C 164 -23.19 -9.76 24.77
N ASP C 165 -23.45 -10.45 23.67
CA ASP C 165 -22.58 -11.50 23.15
C ASP C 165 -21.77 -10.89 22.02
N THR C 166 -20.54 -10.48 22.33
CA THR C 166 -19.71 -9.82 21.33
C THR C 166 -19.29 -10.78 20.23
N PHE C 167 -18.77 -11.95 20.62
CA PHE C 167 -18.26 -12.94 19.66
C PHE C 167 -19.41 -13.76 19.08
N HIS C 168 -20.36 -13.06 18.47
CA HIS C 168 -21.51 -13.71 17.86
C HIS C 168 -21.17 -14.11 16.43
N SER C 169 -21.85 -15.15 15.96
CA SER C 169 -21.62 -15.62 14.59
C SER C 169 -22.01 -14.58 13.55
N PHE C 170 -22.91 -13.66 13.90
CA PHE C 170 -23.34 -12.63 12.97
C PHE C 170 -22.28 -11.54 12.80
N PHE C 171 -21.67 -11.08 13.89
CA PHE C 171 -20.67 -10.03 13.80
C PHE C 171 -19.36 -10.51 13.22
N GLN C 172 -19.10 -11.82 13.24
CA GLN C 172 -17.86 -12.35 12.69
C GLN C 172 -18.01 -12.82 11.25
N HIS C 173 -19.22 -13.14 10.80
CA HIS C 173 -19.43 -13.41 9.38
C HIS C 173 -19.38 -12.12 8.58
N PHE C 174 -20.02 -11.06 9.09
CA PHE C 174 -19.88 -9.71 8.54
C PHE C 174 -18.85 -8.95 9.36
N SER C 175 -17.62 -9.45 9.31
CA SER C 175 -16.56 -9.04 10.21
C SER C 175 -15.98 -7.68 9.83
N TYR C 176 -15.15 -7.15 10.73
CA TYR C 176 -14.44 -5.90 10.47
C TYR C 176 -13.42 -6.06 9.35
N ASN C 177 -12.80 -7.24 9.25
CA ASN C 177 -11.82 -7.46 8.20
C ASN C 177 -12.48 -7.68 6.84
N HIS C 178 -13.67 -8.27 6.82
CA HIS C 178 -14.42 -8.37 5.57
C HIS C 178 -14.79 -6.99 5.05
N MET C 179 -15.12 -6.07 5.94
CA MET C 179 -15.34 -4.69 5.54
C MET C 179 -14.04 -4.05 5.05
N MET C 180 -12.92 -4.38 5.68
CA MET C 180 -11.63 -3.81 5.27
C MET C 180 -11.21 -4.34 3.90
N GLU C 181 -11.47 -5.62 3.63
CA GLU C 181 -11.06 -6.20 2.36
C GLU C 181 -11.80 -5.57 1.19
N LYS C 182 -13.09 -5.32 1.35
CA LYS C 182 -13.86 -4.70 0.28
C LYS C 182 -13.64 -3.19 0.19
N ILE C 183 -13.26 -2.55 1.30
CA ILE C 183 -12.87 -1.15 1.23
C ILE C 183 -11.50 -1.02 0.55
N LYS C 184 -10.55 -1.88 0.91
CA LYS C 184 -9.26 -1.89 0.23
C LYS C 184 -9.42 -2.23 -1.25
N SER C 185 -10.46 -2.99 -1.60
CA SER C 185 -10.74 -3.25 -3.01
C SER C 185 -11.14 -1.96 -3.73
N TYR C 186 -11.93 -1.11 -3.07
CA TYR C 186 -12.28 0.16 -3.66
C TYR C 186 -11.11 1.13 -3.64
N VAL C 187 -10.29 1.08 -2.59
CA VAL C 187 -9.09 1.92 -2.53
C VAL C 187 -8.16 1.57 -3.69
N ASN C 188 -8.05 0.29 -4.04
CA ASN C 188 -7.23 -0.11 -5.17
C ASN C 188 -7.75 0.47 -6.47
N TYR C 189 -9.08 0.61 -6.60
CA TYR C 189 -9.65 1.22 -7.80
C TYR C 189 -9.33 2.70 -7.87
N VAL C 190 -9.45 3.41 -6.74
CA VAL C 190 -9.09 4.82 -6.70
C VAL C 190 -7.59 4.99 -6.98
N LEU C 191 -6.78 4.00 -6.60
CA LEU C 191 -5.36 4.06 -6.89
C LEU C 191 -5.09 4.07 -8.38
N SER C 192 -5.90 3.32 -9.16
CA SER C 192 -5.75 3.34 -10.61
C SER C 192 -6.24 4.65 -11.22
N GLU C 193 -7.25 5.27 -10.61
CA GLU C 193 -7.80 6.50 -11.17
C GLU C 193 -6.82 7.66 -11.04
N LYS C 194 -6.24 7.83 -9.85
CA LYS C 194 -5.40 8.97 -9.55
C LYS C 194 -3.91 8.68 -9.66
N SER C 195 -3.53 7.54 -10.26
CA SER C 195 -2.13 7.25 -10.47
C SER C 195 -1.53 8.08 -11.60
N SER C 196 -2.36 8.61 -12.50
CA SER C 196 -1.89 9.40 -13.63
C SER C 196 -2.03 10.91 -13.40
N THR C 197 -2.18 11.32 -12.14
CA THR C 197 -2.23 12.75 -11.85
C THR C 197 -0.84 13.36 -12.00
N PHE C 198 -0.82 14.69 -12.21
CA PHE C 198 0.39 15.35 -12.69
C PHE C 198 1.56 15.20 -11.72
N LEU C 199 1.30 15.41 -10.43
CA LEU C 199 2.40 15.48 -9.46
C LEU C 199 3.10 14.14 -9.32
N MET C 200 2.34 13.05 -9.15
CA MET C 200 2.94 11.72 -9.12
C MET C 200 3.51 11.34 -10.49
N LYS C 201 2.88 11.81 -11.56
CA LYS C 201 3.36 11.52 -12.91
C LYS C 201 4.77 12.06 -13.13
N ALA C 202 4.96 13.34 -12.83
CA ALA C 202 6.28 13.95 -13.04
C ALA C 202 7.30 13.41 -12.05
N ALA C 203 6.88 13.15 -10.81
CA ALA C 203 7.80 12.60 -9.82
C ALA C 203 8.24 11.19 -10.20
N ALA C 204 7.40 10.44 -10.90
CA ALA C 204 7.81 9.11 -11.35
C ALA C 204 8.84 9.19 -12.47
N LYS C 205 8.69 10.18 -13.37
CA LYS C 205 9.69 10.37 -14.42
C LYS C 205 11.03 10.83 -13.86
N VAL C 206 11.04 11.43 -12.67
CA VAL C 206 12.32 11.83 -12.07
C VAL C 206 13.08 10.60 -11.56
N VAL C 207 12.38 9.72 -10.85
CA VAL C 207 13.01 8.50 -10.35
C VAL C 207 13.35 7.57 -11.50
N GLU C 208 12.56 7.60 -12.57
CA GLU C 208 12.82 6.73 -13.72
C GLU C 208 14.12 7.08 -14.42
N SER C 209 14.45 8.37 -14.49
CA SER C 209 15.60 8.80 -15.29
C SER C 209 16.93 8.64 -14.56
N LYS C 210 16.91 8.53 -13.23
CA LYS C 210 18.15 8.40 -12.47
C LYS C 210 18.76 7.01 -12.53
N ARG C 211 18.02 6.02 -13.05
CA ARG C 211 18.54 4.67 -13.14
C ARG C 211 19.23 4.39 -14.47
N THR C 212 19.05 5.26 -15.46
CA THR C 212 19.66 5.06 -16.77
C THR C 212 20.95 5.86 -16.91
N GLU D 5 12.47 -1.77 -4.96
CA GLU D 5 11.25 -2.43 -5.39
C GLU D 5 10.16 -1.40 -5.70
N ASP D 6 8.97 -1.88 -6.03
CA ASP D 6 7.87 -0.97 -6.37
C ASP D 6 7.53 -0.05 -5.21
N ALA D 7 7.65 -0.54 -3.97
CA ALA D 7 7.36 0.31 -2.81
C ALA D 7 8.44 1.36 -2.61
N GLY D 8 9.72 0.95 -2.74
CA GLY D 8 10.81 1.90 -2.60
C GLY D 8 10.83 2.97 -3.68
N LEU D 9 10.42 2.60 -4.90
CA LEU D 9 10.36 3.59 -5.98
C LEU D 9 9.21 4.56 -5.76
N VAL D 10 8.09 4.09 -5.22
CA VAL D 10 6.99 4.97 -4.87
C VAL D 10 7.41 5.92 -3.75
N ALA D 11 8.17 5.41 -2.77
CA ALA D 11 8.62 6.25 -1.68
C ALA D 11 9.57 7.33 -2.17
N GLU D 12 10.40 7.02 -3.16
CA GLU D 12 11.30 8.03 -3.71
C GLU D 12 10.53 9.08 -4.52
N ALA D 13 9.48 8.65 -5.24
CA ALA D 13 8.67 9.61 -5.97
C ALA D 13 7.90 10.53 -5.03
N GLU D 14 7.46 10.00 -3.88
CA GLU D 14 6.78 10.84 -2.90
C GLU D 14 7.75 11.83 -2.25
N ALA D 15 9.02 11.44 -2.11
CA ALA D 15 10.02 12.37 -1.58
C ALA D 15 10.34 13.46 -2.58
N VAL D 16 10.38 13.12 -3.86
CA VAL D 16 10.62 14.13 -4.89
C VAL D 16 9.45 15.11 -4.96
N ALA D 17 8.22 14.61 -4.86
CA ALA D 17 7.06 15.48 -4.88
C ALA D 17 6.97 16.33 -3.62
N ALA D 18 7.42 15.80 -2.48
CA ALA D 18 7.40 16.59 -1.26
C ALA D 18 8.39 17.75 -1.33
N GLY D 19 9.54 17.53 -1.96
CA GLY D 19 10.48 18.62 -2.16
C GLY D 19 9.92 19.69 -3.08
N TRP D 20 9.14 19.28 -4.09
CA TRP D 20 8.48 20.25 -4.96
C TRP D 20 7.44 21.05 -4.19
N MET D 21 6.65 20.37 -3.34
CA MET D 21 5.61 21.07 -2.60
C MET D 21 6.19 22.02 -1.56
N LEU D 22 7.35 21.66 -0.96
CA LEU D 22 7.97 22.55 0.00
C LEU D 22 8.46 23.84 -0.65
N ASP D 23 9.03 23.72 -1.86
CA ASP D 23 9.50 24.91 -2.57
C ASP D 23 8.33 25.82 -2.96
N PHE D 24 7.22 25.22 -3.41
CA PHE D 24 6.07 26.03 -3.81
C PHE D 24 5.43 26.69 -2.60
N LEU D 25 5.23 25.95 -1.51
CA LEU D 25 4.59 26.51 -0.33
C LEU D 25 5.43 27.62 0.27
N CYS D 26 6.76 27.49 0.22
CA CYS D 26 7.63 28.58 0.64
C CYS D 26 7.43 29.81 -0.24
N LEU D 27 7.42 29.60 -1.56
CA LEU D 27 7.16 30.69 -2.49
C LEU D 27 5.79 31.32 -2.24
N SER D 28 4.78 30.49 -1.97
CA SER D 28 3.45 31.01 -1.67
C SER D 28 3.40 31.69 -0.30
N LEU D 29 4.22 31.21 0.64
CA LEU D 29 4.24 31.84 1.96
C LEU D 29 4.87 33.23 1.91
N CYS D 30 5.81 33.44 1.00
CA CYS D 30 6.44 34.75 0.88
C CYS D 30 5.49 35.78 0.26
N ARG D 31 4.66 35.34 -0.68
CA ARG D 31 3.67 36.24 -1.27
C ARG D 31 2.62 36.65 -0.25
N ALA D 32 2.10 35.68 0.51
CA ALA D 32 1.12 36.00 1.54
C ALA D 32 1.71 36.89 2.61
N PHE D 33 3.01 36.73 2.90
CA PHE D 33 3.69 37.62 3.82
C PHE D 33 3.84 39.01 3.21
N ARG D 34 4.21 39.08 1.93
CA ARG D 34 4.41 40.37 1.28
C ARG D 34 3.09 41.08 1.03
N ASP D 35 2.06 40.36 0.60
CA ASP D 35 0.77 40.94 0.26
C ASP D 35 -0.08 41.25 1.48
N GLY D 36 0.40 40.95 2.68
CA GLY D 36 -0.38 41.20 3.88
C GLY D 36 -1.63 40.37 4.02
N ARG D 37 -1.78 39.32 3.22
CA ARG D 37 -2.93 38.42 3.30
C ARG D 37 -2.73 37.51 4.50
N SER D 38 -3.36 37.85 5.62
CA SER D 38 -3.08 37.17 6.88
C SER D 38 -3.61 35.74 6.86
N GLU D 39 -4.87 35.55 6.44
CA GLU D 39 -5.44 34.21 6.44
C GLU D 39 -4.76 33.31 5.43
N ASP D 40 -4.31 33.85 4.29
CA ASP D 40 -3.54 33.06 3.35
C ASP D 40 -2.21 32.62 3.94
N PHE D 41 -1.55 33.52 4.67
CA PHE D 41 -0.29 33.18 5.32
C PHE D 41 -0.48 32.10 6.37
N ARG D 42 -1.58 32.17 7.12
CA ARG D 42 -1.82 31.21 8.19
C ARG D 42 -2.09 29.81 7.63
N ARG D 43 -2.87 29.73 6.55
CA ARG D 43 -3.17 28.42 5.97
C ARG D 43 -2.00 27.87 5.17
N THR D 44 -1.26 28.75 4.48
CA THR D 44 -0.05 28.30 3.79
C THR D 44 1.02 27.84 4.78
N ARG D 45 1.08 28.47 5.95
CA ARG D 45 2.04 28.04 6.97
C ARG D 45 1.71 26.64 7.46
N ASN D 46 0.44 26.36 7.73
CA ASN D 46 0.04 25.03 8.19
C ASN D 46 0.31 23.98 7.13
N SER D 47 0.14 24.34 5.85
CA SER D 47 0.44 23.41 4.77
C SER D 47 1.94 23.15 4.67
N ALA D 48 2.75 24.20 4.82
CA ALA D 48 4.20 24.02 4.77
C ALA D 48 4.70 23.20 5.95
N GLU D 49 4.17 23.46 7.14
CA GLU D 49 4.62 22.73 8.32
C GLU D 49 4.28 21.26 8.22
N ALA D 50 3.11 20.93 7.66
CA ALA D 50 2.73 19.52 7.52
C ALA D 50 3.61 18.83 6.48
N ILE D 51 3.95 19.52 5.39
CA ILE D 51 4.85 18.95 4.40
C ILE D 51 6.24 18.77 4.98
N ILE D 52 6.68 19.72 5.81
CA ILE D 52 7.99 19.61 6.45
C ILE D 52 8.02 18.40 7.38
N HIS D 53 6.96 18.21 8.17
CA HIS D 53 6.90 17.09 9.10
C HIS D 53 6.88 15.74 8.39
N GLY D 54 6.46 15.69 7.14
CA GLY D 54 6.45 14.46 6.38
C GLY D 54 7.76 14.08 5.73
N LEU D 55 8.80 14.90 5.89
CA LEU D 55 10.09 14.65 5.28
C LEU D 55 10.96 13.85 6.24
N SER D 56 11.52 12.73 5.75
CA SER D 56 12.37 11.89 6.59
C SER D 56 13.77 12.48 6.71
N SER D 57 14.45 12.68 5.57
CA SER D 57 15.77 13.28 5.54
C SER D 57 15.71 14.60 4.80
N LEU D 58 16.48 15.57 5.26
CA LEU D 58 16.48 16.92 4.71
C LEU D 58 17.82 17.20 4.05
N THR D 59 17.76 17.74 2.83
CA THR D 59 18.97 18.21 2.17
C THR D 59 19.34 19.60 2.67
N ALA D 60 20.55 20.03 2.33
CA ALA D 60 20.99 21.37 2.71
C ALA D 60 20.13 22.44 2.07
N CYS D 61 19.64 22.20 0.85
CA CYS D 61 18.76 23.16 0.20
C CYS D 61 17.38 23.15 0.83
N GLN D 62 16.86 21.97 1.17
CA GLN D 62 15.56 21.90 1.83
C GLN D 62 15.60 22.52 3.22
N LEU D 63 16.71 22.35 3.94
CA LEU D 63 16.85 22.95 5.25
C LEU D 63 16.82 24.46 5.18
N ARG D 64 17.50 25.03 4.18
CA ARG D 64 17.48 26.48 4.00
C ARG D 64 16.06 26.98 3.71
N THR D 65 15.29 26.20 2.94
CA THR D 65 13.90 26.58 2.65
C THR D 65 13.07 26.55 3.92
N ILE D 66 13.28 25.56 4.79
CA ILE D 66 12.53 25.46 6.03
C ILE D 66 12.81 26.66 6.92
N TYR D 67 14.06 27.12 6.94
CA TYR D 67 14.41 28.27 7.77
C TYR D 67 13.75 29.55 7.27
N ILE D 68 13.64 29.70 5.94
CA ILE D 68 13.01 30.90 5.39
C ILE D 68 11.55 30.96 5.78
N CYS D 69 10.85 29.84 5.66
CA CYS D 69 9.46 29.77 6.12
C CYS D 69 9.39 30.04 7.62
N GLN D 70 10.33 29.48 8.38
CA GLN D 70 10.33 29.68 9.82
C GLN D 70 10.60 31.13 10.19
N PHE D 71 11.48 31.80 9.43
CA PHE D 71 11.80 33.19 9.72
C PHE D 71 10.59 34.10 9.52
N LEU D 72 9.75 33.79 8.52
CA LEU D 72 8.61 34.66 8.24
C LEU D 72 7.53 34.50 9.30
N THR D 73 7.36 33.29 9.83
CA THR D 73 6.34 33.07 10.87
C THR D 73 6.72 33.78 12.16
N ARG D 74 8.02 33.87 12.48
CA ARG D 74 8.43 34.61 13.67
C ARG D 74 8.21 36.09 13.50
N ILE D 75 8.56 36.63 12.33
CA ILE D 75 8.41 38.06 12.09
C ILE D 75 6.93 38.44 11.99
N ALA D 76 6.10 37.55 11.45
CA ALA D 76 4.67 37.84 11.36
C ALA D 76 4.05 38.08 12.73
N ALA D 77 4.58 37.41 13.77
CA ALA D 77 4.14 37.69 15.14
C ALA D 77 4.80 38.97 15.65
N GLY D 78 6.11 38.93 15.85
CA GLY D 78 6.88 40.11 16.22
C GLY D 78 6.18 40.61 17.48
N LYS D 79 5.50 41.75 17.38
CA LYS D 79 4.83 42.33 18.54
C LYS D 79 4.18 41.40 19.57
N THR D 80 3.73 40.21 19.15
CA THR D 80 3.05 39.28 20.06
C THR D 80 4.08 38.62 20.97
N LEU D 81 4.15 39.08 22.23
CA LEU D 81 5.17 38.58 23.14
C LEU D 81 4.81 37.22 23.73
N ASP D 82 3.53 36.93 23.94
CA ASP D 82 3.12 35.65 24.52
C ASP D 82 2.95 34.56 23.47
N ALA D 83 3.52 34.74 22.28
CA ALA D 83 3.50 33.70 21.25
C ALA D 83 4.76 32.86 21.40
N GLN D 84 4.59 31.64 21.89
CA GLN D 84 5.71 30.74 22.15
C GLN D 84 5.95 29.87 20.93
N PHE D 85 7.04 30.14 20.21
CA PHE D 85 7.41 29.36 19.03
C PHE D 85 8.32 28.19 19.37
N GLU D 86 9.27 28.39 20.27
CA GLU D 86 10.25 27.37 20.62
C GLU D 86 9.84 26.60 21.87
N ASN D 87 10.40 25.40 22.01
CA ASN D 87 10.17 24.63 23.23
C ASN D 87 10.74 25.33 24.45
N ASP D 88 11.75 26.17 24.25
CA ASP D 88 12.23 27.04 25.31
C ASP D 88 11.21 28.13 25.56
N GLU D 89 10.63 28.15 26.76
CA GLU D 89 9.48 29.00 27.03
C GLU D 89 9.84 30.49 26.98
N ARG D 90 11.06 30.84 27.34
CA ARG D 90 11.44 32.25 27.48
C ARG D 90 12.07 32.84 26.22
N ILE D 91 11.98 32.15 25.08
CA ILE D 91 12.51 32.68 23.84
C ILE D 91 11.42 33.47 23.14
N THR D 92 11.62 34.77 22.99
CA THR D 92 10.61 35.62 22.37
C THR D 92 10.58 35.38 20.86
N PRO D 93 9.47 35.75 20.20
CA PRO D 93 9.40 35.56 18.74
C PRO D 93 10.50 36.25 17.98
N LEU D 94 10.87 37.48 18.38
CA LEU D 94 11.96 38.17 17.69
C LEU D 94 13.32 37.54 18.03
N GLU D 95 13.45 36.94 19.21
CA GLU D 95 14.65 36.17 19.51
C GLU D 95 14.74 34.94 18.60
N SER D 96 13.62 34.25 18.42
CA SER D 96 13.61 33.08 17.54
C SER D 96 13.95 33.47 16.11
N ALA D 97 13.46 34.62 15.66
CA ALA D 97 13.80 35.09 14.32
C ALA D 97 15.27 35.46 14.21
N LEU D 98 15.89 35.89 15.31
CA LEU D 98 17.31 36.22 15.29
C LEU D 98 18.16 34.97 15.10
N MET D 99 17.80 33.86 15.78
CA MET D 99 18.56 32.63 15.63
C MET D 99 18.34 32.00 14.25
N ILE D 100 17.14 32.15 13.69
CA ILE D 100 16.89 31.63 12.36
C ILE D 100 17.65 32.45 11.32
N TRP D 101 17.69 33.77 11.49
CA TRP D 101 18.41 34.61 10.55
C TRP D 101 19.89 34.29 10.55
N GLY D 102 20.45 33.90 11.70
CA GLY D 102 21.81 33.43 11.78
C GLY D 102 22.04 32.02 11.33
N SER D 103 21.01 31.36 10.81
CA SER D 103 21.14 29.99 10.31
C SER D 103 20.81 29.83 8.84
N ILE D 104 20.16 30.81 8.21
CA ILE D 104 19.83 30.72 6.80
C ILE D 104 21.10 30.79 5.97
N GLU D 105 21.30 29.79 5.10
CA GLU D 105 22.46 29.79 4.21
C GLU D 105 22.30 30.92 3.21
N LYS D 106 22.91 32.06 3.51
CA LYS D 106 22.81 33.23 2.65
C LYS D 106 24.08 34.05 2.78
N GLU D 107 24.23 35.02 1.87
CA GLU D 107 25.39 35.89 1.90
C GLU D 107 25.25 36.90 3.03
N HIS D 108 26.20 36.89 3.97
CA HIS D 108 26.23 37.85 5.06
C HIS D 108 26.75 39.19 4.52
N ASP D 109 25.92 39.81 3.69
CA ASP D 109 26.28 41.05 3.02
C ASP D 109 25.85 42.25 3.87
N LYS D 110 25.75 43.43 3.25
CA LYS D 110 25.36 44.63 3.97
C LYS D 110 23.93 44.52 4.50
N LEU D 111 23.01 43.99 3.69
CA LEU D 111 21.63 43.86 4.11
C LEU D 111 21.48 42.89 5.27
N HIS D 112 22.33 41.86 5.34
CA HIS D 112 22.21 40.87 6.40
C HIS D 112 22.54 41.45 7.77
N GLU D 113 23.54 42.34 7.83
CA GLU D 113 23.93 42.92 9.11
C GLU D 113 22.92 43.97 9.58
N GLU D 114 22.22 44.63 8.66
CA GLU D 114 21.20 45.57 9.06
C GLU D 114 19.97 44.86 9.62
N ILE D 115 19.55 43.77 8.97
CA ILE D 115 18.40 43.02 9.47
C ILE D 115 18.71 42.40 10.81
N GLN D 116 19.92 41.85 10.97
CA GLN D 116 20.29 41.19 12.22
C GLN D 116 20.31 42.18 13.37
N ASN D 117 20.88 43.37 13.16
CA ASN D 117 20.93 44.36 14.24
C ASN D 117 19.54 44.90 14.55
N LEU D 118 18.72 45.13 13.52
CA LEU D 118 17.37 45.63 13.76
C LEU D 118 16.54 44.61 14.54
N ILE D 119 16.76 43.32 14.30
CA ILE D 119 16.05 42.30 15.07
C ILE D 119 16.52 42.28 16.51
N LYS D 120 17.84 42.42 16.73
CA LYS D 120 18.37 42.45 18.09
C LYS D 120 17.80 43.64 18.87
N ILE D 121 17.75 44.82 18.24
CA ILE D 121 17.25 46.00 18.92
C ILE D 121 15.75 45.88 19.17
N GLN D 122 15.01 45.38 18.18
CA GLN D 122 13.56 45.28 18.33
C GLN D 122 13.15 44.17 19.29
N ALA D 123 13.99 43.13 19.44
CA ALA D 123 13.69 42.09 20.41
C ALA D 123 13.65 42.66 21.83
N ILE D 124 14.54 43.60 22.12
CA ILE D 124 14.48 44.30 23.40
C ILE D 124 13.41 45.38 23.39
N ALA D 125 13.16 46.00 22.24
CA ALA D 125 12.21 47.10 22.17
C ALA D 125 10.79 46.63 22.44
N VAL D 126 10.39 45.48 21.86
CA VAL D 126 9.02 45.02 22.02
C VAL D 126 8.78 44.56 23.46
N CYS D 127 9.82 44.15 24.18
CA CYS D 127 9.66 43.78 25.58
C CYS D 127 9.41 45.01 26.44
N MET D 128 10.07 46.12 26.14
CA MET D 128 9.88 47.34 26.92
C MET D 128 8.60 48.06 26.55
N GLU D 129 8.13 47.90 25.31
CA GLU D 129 6.87 48.54 24.91
C GLU D 129 5.68 47.92 25.61
N ASN D 130 5.72 46.61 25.88
CA ASN D 130 4.65 45.95 26.62
C ASN D 130 4.77 46.15 28.12
N GLY D 131 5.90 46.64 28.61
CA GLY D 131 6.12 46.86 30.03
C GLY D 131 6.97 45.81 30.71
N ASN D 132 7.50 44.84 29.97
CA ASN D 132 8.32 43.77 30.55
C ASN D 132 9.79 44.20 30.54
N PHE D 133 10.14 45.04 31.52
CA PHE D 133 11.54 45.45 31.66
C PHE D 133 12.40 44.36 32.27
N LYS D 134 11.81 43.42 33.00
CA LYS D 134 12.59 42.28 33.50
C LYS D 134 12.88 41.30 32.37
N GLU D 135 11.94 41.14 31.45
CA GLU D 135 12.18 40.26 30.30
C GLU D 135 13.14 40.89 29.30
N ALA D 136 13.11 42.22 29.17
CA ALA D 136 14.06 42.89 28.28
C ALA D 136 15.49 42.73 28.78
N GLU D 137 15.67 42.72 30.11
CA GLU D 137 16.99 42.46 30.66
C GLU D 137 17.40 41.01 30.41
N GLU D 138 16.44 40.08 30.44
CA GLU D 138 16.75 38.68 30.16
C GLU D 138 17.02 38.46 28.68
N VAL D 139 16.24 39.11 27.80
CA VAL D 139 16.46 38.96 26.37
C VAL D 139 17.81 39.53 25.97
N PHE D 140 18.18 40.67 26.54
CA PHE D 140 19.49 41.25 26.26
C PHE D 140 20.62 40.34 26.74
N GLU D 141 20.39 39.58 27.81
CA GLU D 141 21.40 38.65 28.30
C GLU D 141 21.67 37.54 27.29
N ARG D 142 20.61 37.00 26.68
CA ARG D 142 20.79 35.92 25.71
C ARG D 142 21.24 36.40 24.35
N ILE D 143 21.00 37.67 24.02
CA ILE D 143 21.44 38.21 22.74
C ILE D 143 22.86 38.73 22.87
N PHE D 144 23.07 39.69 23.78
CA PHE D 144 24.40 40.25 24.00
C PHE D 144 25.02 39.68 25.29
N PHE D 153 26.43 47.69 19.08
CA PHE D 153 25.51 48.53 19.84
C PHE D 153 25.10 47.85 21.13
N LYS D 154 26.09 47.51 21.95
CA LYS D 154 25.86 46.80 23.20
C LYS D 154 25.80 47.74 24.42
N SER D 155 26.73 48.68 24.51
CA SER D 155 26.75 49.58 25.66
C SER D 155 25.58 50.57 25.60
N LYS D 156 25.35 51.17 24.43
CA LYS D 156 24.25 52.12 24.31
C LYS D 156 22.90 51.44 24.50
N LEU D 157 22.78 50.18 24.08
CA LEU D 157 21.54 49.45 24.29
C LEU D 157 21.35 49.10 25.75
N LEU D 158 22.44 48.75 26.45
CA LEU D 158 22.35 48.45 27.87
C LEU D 158 21.95 49.68 28.68
N MET D 159 22.31 50.88 28.21
CA MET D 159 21.88 52.09 28.87
C MET D 159 20.36 52.24 28.83
N ILE D 160 19.76 51.94 27.67
CA ILE D 160 18.32 52.13 27.51
C ILE D 160 17.54 51.17 28.41
N ILE D 161 18.13 50.02 28.74
CA ILE D 161 17.43 49.06 29.60
C ILE D 161 17.64 49.41 31.07
N SER D 162 18.77 50.04 31.41
CA SER D 162 18.95 50.52 32.78
C SER D 162 17.88 51.54 33.15
N GLN D 163 17.68 52.54 32.30
CA GLN D 163 16.51 53.38 32.42
C GLN D 163 15.27 52.63 31.92
N LYS D 164 14.11 53.26 32.07
CA LYS D 164 12.87 52.71 31.54
C LYS D 164 12.39 53.46 30.31
N ASP D 165 13.29 54.17 29.64
CA ASP D 165 12.94 54.94 28.45
C ASP D 165 12.66 53.99 27.29
N THR D 166 11.41 53.91 26.86
CA THR D 166 11.03 53.10 25.71
C THR D 166 10.84 53.92 24.44
N PHE D 167 10.40 55.17 24.56
CA PHE D 167 10.31 56.09 23.45
C PHE D 167 11.65 56.76 23.12
N HIS D 168 12.75 56.17 23.59
CA HIS D 168 14.07 56.73 23.33
C HIS D 168 14.33 56.82 21.84
N SER D 169 15.08 57.85 21.44
CA SER D 169 15.36 58.08 20.03
C SER D 169 16.18 56.96 19.39
N PHE D 170 16.73 56.05 20.19
CA PHE D 170 17.46 54.93 19.63
C PHE D 170 16.52 53.97 18.90
N PHE D 171 15.32 53.76 19.45
CA PHE D 171 14.32 52.94 18.78
C PHE D 171 13.54 53.70 17.71
N GLN D 172 13.62 55.03 17.69
CA GLN D 172 12.96 55.79 16.64
C GLN D 172 13.69 55.65 15.32
N HIS D 173 15.02 55.57 15.36
CA HIS D 173 15.81 55.41 14.14
C HIS D 173 15.90 53.94 13.74
N PHE D 174 16.22 53.06 14.68
CA PHE D 174 16.21 51.62 14.45
C PHE D 174 14.87 51.09 14.96
N SER D 175 13.83 51.28 14.14
CA SER D 175 12.46 51.01 14.54
C SER D 175 11.98 49.68 13.98
N TYR D 176 10.76 49.31 14.41
CA TYR D 176 10.14 48.09 13.91
C TYR D 176 9.76 48.22 12.43
N ASN D 177 9.40 49.42 11.99
CA ASN D 177 9.07 49.62 10.58
C ASN D 177 10.31 49.58 9.71
N HIS D 178 11.43 50.14 10.19
CA HIS D 178 12.68 50.02 9.45
C HIS D 178 13.17 48.58 9.40
N MET D 179 12.81 47.77 10.39
CA MET D 179 13.13 46.35 10.34
C MET D 179 12.29 45.63 9.29
N MET D 180 10.99 45.92 9.25
CA MET D 180 10.13 45.33 8.24
C MET D 180 10.54 45.79 6.84
N GLU D 181 10.96 47.06 6.71
CA GLU D 181 11.43 47.56 5.42
C GLU D 181 12.56 46.70 4.88
N LYS D 182 13.50 46.32 5.74
CA LYS D 182 14.60 45.47 5.31
C LYS D 182 14.15 44.03 5.07
N ILE D 183 13.23 43.54 5.91
CA ILE D 183 12.78 42.15 5.77
C ILE D 183 11.93 41.98 4.52
N LYS D 184 10.98 42.90 4.30
CA LYS D 184 10.16 42.85 3.09
C LYS D 184 11.02 43.01 1.84
N SER D 185 12.14 43.74 1.95
CA SER D 185 13.06 43.81 0.83
C SER D 185 13.74 42.47 0.58
N TYR D 186 14.10 41.76 1.65
CA TYR D 186 14.71 40.44 1.50
C TYR D 186 13.69 39.42 1.02
N VAL D 187 12.42 39.56 1.42
CA VAL D 187 11.39 38.64 0.98
C VAL D 187 11.26 38.67 -0.55
N ASN D 188 11.34 39.86 -1.13
CA ASN D 188 11.25 39.98 -2.59
C ASN D 188 12.43 39.30 -3.28
N TYR D 189 13.60 39.27 -2.64
CA TYR D 189 14.73 38.55 -3.21
C TYR D 189 14.46 37.04 -3.21
N VAL D 190 13.95 36.51 -2.10
CA VAL D 190 13.57 35.11 -2.07
C VAL D 190 12.36 34.86 -2.96
N LEU D 191 11.44 35.83 -3.01
CA LEU D 191 10.27 35.68 -3.86
C LEU D 191 10.65 35.58 -5.32
N SER D 192 11.68 36.34 -5.73
CA SER D 192 12.18 36.23 -7.10
C SER D 192 12.99 34.97 -7.32
N GLU D 193 13.70 34.50 -6.29
CA GLU D 193 14.51 33.30 -6.44
C GLU D 193 13.63 32.06 -6.53
N LYS D 194 12.68 31.92 -5.60
CA LYS D 194 11.85 30.72 -5.51
C LYS D 194 10.71 30.71 -6.51
N SER D 195 10.54 31.78 -7.30
CA SER D 195 9.52 31.80 -8.34
C SER D 195 9.92 30.96 -9.55
N SER D 196 11.09 30.33 -9.53
CA SER D 196 11.56 29.49 -10.62
C SER D 196 11.45 28.00 -10.29
N THR D 197 10.70 27.66 -9.26
CA THR D 197 10.55 26.26 -8.87
C THR D 197 9.58 25.55 -9.81
N PHE D 198 9.72 24.23 -9.88
CA PHE D 198 9.00 23.45 -10.88
C PHE D 198 7.49 23.52 -10.69
N LEU D 199 7.02 23.47 -9.44
CA LEU D 199 5.58 23.38 -9.19
C LEU D 199 4.86 24.66 -9.58
N MET D 200 5.49 25.82 -9.35
CA MET D 200 4.90 27.08 -9.77
C MET D 200 5.15 27.34 -11.25
N LYS D 201 6.33 26.97 -11.74
CA LYS D 201 6.66 27.17 -13.15
C LYS D 201 5.71 26.39 -14.05
N ALA D 202 5.38 25.16 -13.67
CA ALA D 202 4.43 24.38 -14.47
C ALA D 202 3.02 24.94 -14.34
N ALA D 203 2.64 25.39 -13.14
CA ALA D 203 1.31 25.96 -12.96
C ALA D 203 1.15 27.30 -13.66
N ALA D 204 2.24 28.04 -13.82
CA ALA D 204 2.15 29.33 -14.51
C ALA D 204 1.87 29.14 -15.99
N LYS D 205 2.53 28.16 -16.62
CA LYS D 205 2.27 27.87 -18.02
C LYS D 205 0.87 27.32 -18.24
N VAL D 206 0.26 26.74 -17.22
CA VAL D 206 -1.12 26.27 -17.34
C VAL D 206 -2.07 27.47 -17.43
N VAL D 207 -1.84 28.49 -16.61
CA VAL D 207 -2.71 29.67 -16.63
C VAL D 207 -2.39 30.55 -17.83
N GLU D 208 -1.12 30.64 -18.21
CA GLU D 208 -0.73 31.45 -19.37
C GLU D 208 -1.02 30.72 -20.67
N SER E 1 -8.96 -6.93 -2.24
CA SER E 1 -9.21 -8.15 -3.01
C SER E 1 -8.14 -9.20 -2.72
N GLY E 2 -8.05 -10.20 -3.59
CA GLY E 2 -7.12 -11.30 -3.35
C GLY E 2 -5.67 -10.91 -3.41
N ARG E 3 -5.34 -9.84 -4.14
CA ARG E 3 -3.96 -9.39 -4.25
C ARG E 3 -3.43 -8.80 -2.95
N ASP E 4 -4.30 -8.48 -1.99
CA ASP E 4 -3.88 -7.85 -0.75
C ASP E 4 -3.40 -8.85 0.30
N PHE E 5 -3.51 -10.15 0.04
CA PHE E 5 -3.19 -11.19 1.02
C PHE E 5 -1.96 -11.96 0.56
N THR E 6 -0.96 -12.03 1.44
CA THR E 6 0.29 -12.72 1.15
C THR E 6 0.45 -13.91 2.10
N LEU E 7 0.96 -15.02 1.56
CA LEU E 7 1.28 -16.19 2.37
C LEU E 7 2.77 -16.34 2.62
N LYS E 8 3.61 -15.74 1.79
CA LYS E 8 5.07 -15.82 1.88
C LYS E 8 5.63 -14.58 2.55
N PRO E 9 6.66 -14.75 3.38
CA PRO E 9 7.23 -13.59 4.07
C PRO E 9 8.45 -13.09 3.32
N LYS E 10 9.12 -12.08 3.89
CA LYS E 10 10.36 -11.54 3.35
C LYS E 10 11.59 -11.80 4.21
N LYS E 11 12.73 -11.94 3.56
CA LYS E 11 13.97 -12.26 4.26
C LYS E 11 14.57 -11.01 4.89
N ARG E 12 15.28 -11.22 6.01
CA ARG E 12 15.86 -10.16 6.81
C ARG E 12 14.81 -9.13 7.21
N ARG E 13 14.01 -9.45 8.23
CA ARG E 13 12.99 -8.56 8.72
C ARG E 13 13.60 -7.37 9.47
N ARG F 3 7.22 -29.10 -11.63
CA ARG F 3 8.35 -30.02 -11.68
C ARG F 3 9.63 -29.28 -12.06
N ASP F 4 10.25 -29.69 -13.16
CA ASP F 4 11.38 -28.98 -13.74
C ASP F 4 10.94 -28.21 -14.98
N PHE F 5 9.77 -27.57 -14.90
CA PHE F 5 9.24 -26.76 -15.98
C PHE F 5 8.94 -25.36 -15.45
N THR F 6 9.16 -24.35 -16.30
CA THR F 6 9.11 -22.96 -15.89
C THR F 6 8.17 -22.18 -16.80
N LEU F 7 7.30 -21.36 -16.19
CA LEU F 7 6.45 -20.45 -16.95
C LEU F 7 6.79 -18.98 -16.72
N LYS F 8 7.40 -18.62 -15.58
CA LYS F 8 7.73 -17.23 -15.30
C LYS F 8 9.19 -16.94 -15.62
N PRO F 9 9.48 -15.80 -16.22
CA PRO F 9 10.86 -15.46 -16.58
C PRO F 9 11.57 -14.68 -15.50
N LYS F 10 12.90 -14.66 -15.61
CA LYS F 10 13.74 -13.78 -14.81
C LYS F 10 14.12 -12.56 -15.63
N LYS F 11 14.55 -11.50 -14.93
CA LYS F 11 14.61 -10.16 -15.51
C LYS F 11 15.92 -9.84 -16.20
N ARG F 12 16.83 -10.80 -16.37
CA ARG F 12 18.09 -10.56 -17.08
C ARG F 12 18.43 -11.80 -17.89
N ARG F 13 18.36 -11.68 -19.21
CA ARG F 13 18.65 -12.79 -20.10
C ARG F 13 20.11 -12.78 -20.55
N SER G 1 -15.89 26.03 1.41
CA SER G 1 -14.44 26.04 1.41
C SER G 1 -13.87 24.80 2.07
N GLY G 2 -12.61 24.49 1.75
CA GLY G 2 -11.94 23.34 2.35
C GLY G 2 -11.68 23.46 3.83
N ARG G 3 -11.77 24.68 4.38
CA ARG G 3 -11.57 24.86 5.81
C ARG G 3 -12.60 24.12 6.64
N ASP G 4 -13.77 23.84 6.08
CA ASP G 4 -14.86 23.19 6.78
C ASP G 4 -14.77 21.66 6.77
N PHE G 5 -13.79 21.09 6.07
CA PHE G 5 -13.61 19.65 5.99
C PHE G 5 -12.51 19.21 6.94
N THR G 6 -12.82 18.23 7.78
CA THR G 6 -11.90 17.74 8.79
C THR G 6 -11.40 16.34 8.43
N LEU G 7 -10.14 16.06 8.76
CA LEU G 7 -9.54 14.74 8.59
C LEU G 7 -9.15 14.11 9.90
N LYS G 8 -8.45 14.87 10.78
CA LYS G 8 -8.10 14.33 12.10
C LYS G 8 -9.24 14.59 13.09
N PRO G 9 -9.42 13.68 14.05
CA PRO G 9 -10.51 13.85 15.00
C PRO G 9 -10.07 14.44 16.33
N LYS G 10 -11.03 14.90 17.13
CA LYS G 10 -10.76 15.23 18.51
C LYS G 10 -10.77 13.95 19.35
N LYS G 11 -9.83 13.85 20.28
CA LYS G 11 -9.52 12.60 20.96
C LYS G 11 -10.07 12.56 22.39
N ARG G 12 -11.24 13.19 22.58
CA ARG G 12 -11.91 13.24 23.90
C ARG G 12 -13.43 13.29 23.69
N ARG G 13 -13.99 12.23 23.10
CA ARG G 13 -15.46 12.15 22.84
C ARG G 13 -16.21 12.07 24.17
N GLY G 14 -15.65 11.36 25.15
CA GLY G 14 -16.28 11.21 26.48
C GLY G 14 -15.96 12.38 27.40
N LYS G 15 -16.97 13.16 27.78
CA LYS G 15 -16.78 14.33 28.67
C LYS G 15 -18.13 14.74 29.27
N SER H 1 15.45 15.69 11.47
CA SER H 1 14.14 15.26 11.01
C SER H 1 13.24 16.46 10.72
N GLY H 2 12.26 16.27 9.82
CA GLY H 2 11.34 17.35 9.51
C GLY H 2 10.40 17.68 10.65
N ARG H 3 10.08 16.70 11.49
CA ARG H 3 9.21 16.93 12.64
C ARG H 3 9.85 17.78 13.72
N ASP H 4 11.15 18.07 13.61
CA ASP H 4 11.83 18.88 14.60
C ASP H 4 11.66 20.38 14.38
N PHE H 5 11.10 20.79 13.26
CA PHE H 5 10.97 22.19 12.90
C PHE H 5 9.52 22.64 13.05
N THR H 6 9.30 23.70 13.82
CA THR H 6 7.98 24.20 14.14
C THR H 6 7.72 25.52 13.41
N LEU H 7 6.51 25.63 12.85
CA LEU H 7 6.06 26.88 12.23
C LEU H 7 4.93 27.55 12.99
N LYS H 8 4.07 26.79 13.66
CA LYS H 8 2.94 27.33 14.41
C LYS H 8 3.35 27.65 15.85
N PRO H 9 2.91 28.78 16.38
CA PRO H 9 3.15 29.11 17.78
C PRO H 9 2.05 28.61 18.69
N LYS H 10 2.38 28.49 19.96
CA LYS H 10 1.43 28.16 21.01
C LYS H 10 1.07 29.41 21.81
N LYS H 11 -0.18 29.48 22.25
CA LYS H 11 -0.66 30.61 23.01
C LYS H 11 -0.34 30.43 24.50
N ARG H 12 -0.65 31.47 25.28
CA ARG H 12 -0.49 31.46 26.73
C ARG H 12 0.94 31.13 27.14
N ARG H 13 1.85 32.04 26.82
CA ARG H 13 3.24 31.89 27.21
C ARG H 13 3.51 32.61 28.52
#